data_7MSR
#
_entry.id   7MSR
#
_cell.length_a   80.436
_cell.length_b   81.452
_cell.length_c   54.331
_cell.angle_alpha   90.000
_cell.angle_beta   103.370
_cell.angle_gamma   90.000
#
_symmetry.space_group_name_H-M   'P 1 21 1'
#
loop_
_entity.id
_entity.type
_entity.pdbx_description
1 polymer 'Succinate--CoA ligase [ADP/GDP-forming] subunit alpha, mitochondrial'
2 polymer 'Succinate--CoA ligase [GDP-forming] subunit beta, mitochondrial'
3 non-polymer 'DESULFO-COENZYME A'
4 non-polymer 1,2-ETHANEDIOL
5 non-polymer GLYCEROL
6 non-polymer 'MAGNESIUM ION'
7 non-polymer '4-oxo-4-(phosphonooxy)butanoic acid'
8 water water
#
loop_
_entity_poly.entity_id
_entity_poly.type
_entity_poly.pdbx_seq_one_letter_code
_entity_poly.pdbx_strand_id
1 'polypeptide(L)'
;MSYTASRQHLYVDKNTKIICQGFTGKQGTFHSQQALEYGTKLVGGTTPGKGGQTHLGLPVFNTVKEAKEQTGATASVIYV
PPPFAAAAINEAIEAEIPLVVCITQGIPQQDMVRVKHKLLRQEKTRLIGPNCPGVINPGECKIGIMPGHIHKKGRIGIVS
RSGTLTYEAVHQTTQVGLGQSLCVGIGGDPFNGTDFIDCLEIFLNDSATEGIILIGEIGGNAEENAAEFLKQHNSGPNSK
PVVSFIAGLTAPPGRRMGHAGAIIAGGKGGAKEKISALQSAGVVVSMSPAQLGTTIYKEFEKRKMLEHHHHHHHH
;
A
2 'polypeptide(L)'
;MNLQEYQSKKLMSDNGVRVQRFFVADTANEALEAAKRLNAKEIVLKAQILAGGRGKGVFNSGLKGGVHLTKDPNVVGQLA
KQMIGYNLATKQTPKEGVKVNKVMVAEALDISRETYLAILMDRSCNGPVLVGSPQGGVDIEEVAASNPELIFKEQIDIFE
GIKDSQAQRMAENLGFVGPLKSQAADQITKLYNLFLKIDATQVEVNPFGETPEGQVVCFDAKINFDDNAEFRQKDIFAMD
DKSENEPIENEAAKYDLKYIGLDGNIACFVNGAGLAMATCDIIFLNGGKPANFLDLGGGVKEAQVYQAFKLLTADPKVEA
ILVNIFGGIVNCAIIANGITKACRELELKVPLVVRLEGTNVQEAQKILNNSGLPITSAIDLEDAAKKAVASVAKK
;
B
#
loop_
_chem_comp.id
_chem_comp.type
_chem_comp.name
_chem_comp.formula
DCA non-polymer 'DESULFO-COENZYME A' 'C21 H36 N7 O16 P3'
EDO non-polymer 1,2-ETHANEDIOL 'C2 H6 O2'
GOL non-polymer GLYCEROL 'C3 H8 O3'
MG non-polymer 'MAGNESIUM ION' 'Mg 2'
ZNS non-polymer '4-oxo-4-(phosphonooxy)butanoic acid' 'C4 H7 O7 P'
#
# COMPACT_ATOMS: atom_id res chain seq x y z
N SER A 2 -12.15 2.85 -26.60
CA SER A 2 -12.01 2.78 -25.15
C SER A 2 -10.75 2.00 -24.75
N TYR A 3 -10.18 2.38 -23.60
CA TYR A 3 -8.94 1.77 -23.13
C TYR A 3 -9.06 0.25 -23.00
N THR A 4 -10.27 -0.26 -22.78
CA THR A 4 -10.45 -1.71 -22.69
C THR A 4 -10.04 -2.42 -23.98
N ALA A 5 -10.01 -1.69 -25.11
CA ALA A 5 -9.59 -2.29 -26.37
C ALA A 5 -8.14 -2.73 -26.35
N SER A 6 -7.34 -2.24 -25.40
CA SER A 6 -5.94 -2.62 -25.30
C SER A 6 -5.73 -3.87 -24.45
N ARG A 7 -6.81 -4.44 -23.90
CA ARG A 7 -6.65 -5.61 -23.04
C ARG A 7 -5.90 -6.73 -23.73
N GLN A 8 -6.21 -6.97 -25.01
CA GLN A 8 -5.57 -8.07 -25.72
C GLN A 8 -4.06 -7.97 -25.70
N HIS A 9 -3.51 -6.76 -25.53
CA HIS A 9 -2.07 -6.58 -25.49
C HIS A 9 -1.42 -7.24 -24.29
N LEU A 10 -2.21 -7.69 -23.32
CA LEU A 10 -1.64 -8.40 -22.17
C LEU A 10 -1.05 -9.74 -22.56
N TYR A 11 -1.58 -10.37 -23.61
CA TYR A 11 -1.21 -11.73 -23.96
C TYR A 11 0.04 -11.75 -24.83
N VAL A 12 1.17 -11.49 -24.16
CA VAL A 12 2.45 -11.58 -24.83
C VAL A 12 2.71 -13.02 -25.29
N ASP A 13 3.58 -13.16 -26.30
CA ASP A 13 3.89 -14.47 -26.83
C ASP A 13 5.30 -14.46 -27.41
N LYS A 14 5.68 -15.56 -28.07
CA LYS A 14 7.05 -15.73 -28.53
C LYS A 14 7.47 -14.61 -29.48
N ASN A 15 6.52 -13.98 -30.17
CA ASN A 15 6.84 -12.95 -31.15
C ASN A 15 6.94 -11.55 -30.56
N THR A 16 6.71 -11.41 -29.25
CA THR A 16 6.78 -10.11 -28.61
C THR A 16 8.24 -9.70 -28.43
N LYS A 17 8.61 -8.57 -29.03
CA LYS A 17 9.93 -7.97 -28.83
C LYS A 17 9.81 -6.88 -27.77
N ILE A 18 10.80 -6.81 -26.89
CA ILE A 18 10.72 -5.98 -25.70
C ILE A 18 11.92 -5.03 -25.63
N ILE A 19 11.67 -3.83 -25.10
CA ILE A 19 12.73 -2.91 -24.71
C ILE A 19 12.65 -2.70 -23.20
N CYS A 20 13.77 -2.30 -22.62
CA CYS A 20 13.86 -2.06 -21.19
C CYS A 20 14.14 -0.59 -20.93
N GLN A 21 13.19 0.09 -20.29
CA GLN A 21 13.41 1.46 -19.82
C GLN A 21 14.08 1.40 -18.45
N GLY A 22 15.20 2.12 -18.33
CA GLY A 22 16.10 1.89 -17.21
C GLY A 22 17.07 0.76 -17.46
N PHE A 23 17.43 0.55 -18.72
CA PHE A 23 18.14 -0.65 -19.16
C PHE A 23 19.48 -0.83 -18.47
N THR A 24 20.18 0.27 -18.23
CA THR A 24 21.54 0.20 -17.70
C THR A 24 21.62 0.26 -16.19
N GLY A 25 20.49 0.41 -15.51
CA GLY A 25 20.48 0.43 -14.06
C GLY A 25 20.75 -0.95 -13.48
N LYS A 26 20.83 -0.98 -12.14
CA LYS A 26 21.18 -2.22 -11.45
C LYS A 26 20.16 -3.32 -11.74
N GLN A 27 18.88 -3.05 -11.48
CA GLN A 27 17.86 -4.10 -11.63
C GLN A 27 17.50 -4.30 -13.10
N GLY A 28 17.47 -3.22 -13.88
CA GLY A 28 17.25 -3.39 -15.31
C GLY A 28 18.29 -4.28 -15.95
N THR A 29 19.54 -4.15 -15.53
CA THR A 29 20.60 -5.00 -16.05
C THR A 29 20.37 -6.45 -15.64
N PHE A 30 20.21 -6.69 -14.33
CA PHE A 30 20.10 -8.06 -13.83
C PHE A 30 18.93 -8.80 -14.46
N HIS A 31 17.75 -8.17 -14.50
CA HIS A 31 16.57 -8.86 -14.99
C HIS A 31 16.50 -8.88 -16.50
N SER A 32 17.18 -7.95 -17.18
CA SER A 32 17.39 -8.12 -18.61
C SER A 32 18.25 -9.35 -18.89
N GLN A 33 19.32 -9.55 -18.11
CA GLN A 33 20.10 -10.77 -18.25
C GLN A 33 19.23 -12.00 -18.08
N GLN A 34 18.40 -12.02 -17.05
CA GLN A 34 17.51 -13.16 -16.82
C GLN A 34 16.56 -13.37 -18.00
N ALA A 35 16.03 -12.28 -18.56
CA ALA A 35 15.12 -12.39 -19.68
C ALA A 35 15.81 -12.98 -20.90
N LEU A 36 17.03 -12.53 -21.18
CA LEU A 36 17.79 -13.09 -22.30
C LEU A 36 18.04 -14.57 -22.10
N GLU A 37 18.45 -14.96 -20.90
CA GLU A 37 18.68 -16.38 -20.61
C GLU A 37 17.39 -17.18 -20.75
N TYR A 38 16.25 -16.58 -20.44
CA TYR A 38 14.98 -17.27 -20.55
C TYR A 38 14.52 -17.44 -22.00
N GLY A 39 15.16 -16.76 -22.94
CA GLY A 39 14.78 -16.83 -24.34
C GLY A 39 13.90 -15.70 -24.80
N THR A 40 13.65 -14.71 -23.95
CA THR A 40 12.78 -13.60 -24.33
C THR A 40 13.49 -12.65 -25.28
N LYS A 41 12.73 -12.10 -26.23
CA LYS A 41 13.29 -11.28 -27.29
C LYS A 41 13.44 -9.82 -26.82
N LEU A 42 14.35 -9.65 -25.87
CA LEU A 42 14.80 -8.33 -25.46
C LEU A 42 15.75 -7.78 -26.53
N VAL A 43 15.38 -6.65 -27.13
CA VAL A 43 16.07 -6.13 -28.29
C VAL A 43 16.75 -4.79 -28.04
N GLY A 44 16.61 -4.22 -26.85
CA GLY A 44 17.26 -2.96 -26.56
C GLY A 44 16.62 -2.30 -25.35
N GLY A 45 17.07 -1.08 -25.07
CA GLY A 45 16.55 -0.37 -23.91
C GLY A 45 16.83 1.11 -24.00
N THR A 46 16.22 1.85 -23.08
CA THR A 46 16.40 3.28 -23.01
C THR A 46 17.07 3.66 -21.69
N THR A 47 17.96 4.63 -21.77
CA THR A 47 18.51 5.32 -20.60
C THR A 47 18.88 6.71 -21.09
N PRO A 48 18.05 7.73 -20.79
CA PRO A 48 18.39 9.09 -21.22
C PRO A 48 19.83 9.46 -20.93
N GLY A 49 20.57 9.85 -21.97
CA GLY A 49 21.96 10.23 -21.83
C GLY A 49 22.96 9.17 -22.25
N LYS A 50 22.50 7.95 -22.53
CA LYS A 50 23.38 6.88 -22.95
C LYS A 50 23.02 6.33 -24.32
N GLY A 51 22.18 7.04 -25.08
CA GLY A 51 21.85 6.59 -26.42
C GLY A 51 23.10 6.44 -27.27
N GLY A 52 23.11 5.39 -28.09
CA GLY A 52 24.26 5.06 -28.90
C GLY A 52 25.17 4.01 -28.28
N GLN A 53 25.16 3.89 -26.94
CA GLN A 53 25.97 2.88 -26.28
C GLN A 53 25.38 1.50 -26.52
N THR A 54 26.12 0.48 -26.08
CA THR A 54 25.72 -0.92 -26.21
C THR A 54 25.78 -1.56 -24.83
N HIS A 55 24.76 -2.36 -24.51
CA HIS A 55 24.58 -2.90 -23.17
C HIS A 55 24.01 -4.30 -23.29
N LEU A 56 24.65 -5.26 -22.61
CA LEU A 56 24.30 -6.67 -22.74
C LEU A 56 24.24 -7.08 -24.21
N GLY A 57 25.09 -6.46 -25.03
CA GLY A 57 25.12 -6.76 -26.44
C GLY A 57 23.96 -6.22 -27.24
N LEU A 58 23.29 -5.20 -26.74
CA LEU A 58 22.07 -4.67 -27.35
C LEU A 58 22.13 -3.15 -27.38
N PRO A 59 21.40 -2.53 -28.29
CA PRO A 59 21.50 -1.07 -28.45
C PRO A 59 20.77 -0.33 -27.33
N VAL A 60 21.35 0.81 -26.93
CA VAL A 60 20.76 1.70 -25.94
C VAL A 60 20.31 2.97 -26.66
N PHE A 61 19.11 3.45 -26.32
CA PHE A 61 18.53 4.63 -26.95
C PHE A 61 18.21 5.67 -25.89
N ASN A 62 18.17 6.94 -26.32
CA ASN A 62 17.78 7.99 -25.40
C ASN A 62 16.27 8.05 -25.21
N THR A 63 15.49 7.59 -26.18
CA THR A 63 14.04 7.75 -26.14
C THR A 63 13.36 6.45 -26.55
N VAL A 64 12.13 6.28 -26.04
CA VAL A 64 11.34 5.11 -26.42
C VAL A 64 10.98 5.17 -27.90
N LYS A 65 10.72 6.37 -28.42
CA LYS A 65 10.33 6.50 -29.82
C LYS A 65 11.41 5.96 -30.75
N GLU A 66 12.67 6.31 -30.48
CA GLU A 66 13.76 5.78 -31.27
C GLU A 66 13.88 4.27 -31.12
N ALA A 67 13.88 3.79 -29.88
CA ALA A 67 14.02 2.36 -29.63
C ALA A 67 12.94 1.57 -30.33
N LYS A 68 11.71 2.07 -30.31
CA LYS A 68 10.61 1.37 -30.97
C LYS A 68 10.81 1.34 -32.49
N GLU A 69 11.16 2.49 -33.07
CA GLU A 69 11.31 2.54 -34.52
C GLU A 69 12.46 1.67 -35.00
N GLN A 70 13.58 1.67 -34.27
CA GLN A 70 14.76 0.96 -34.72
C GLN A 70 14.66 -0.55 -34.47
N THR A 71 13.94 -0.96 -33.42
CA THR A 71 13.93 -2.36 -33.02
C THR A 71 12.60 -3.06 -33.29
N GLY A 72 11.54 -2.32 -33.61
CA GLY A 72 10.25 -2.94 -33.78
C GLY A 72 9.62 -3.47 -32.52
N ALA A 73 10.12 -3.07 -31.36
CA ALA A 73 9.58 -3.56 -30.10
C ALA A 73 8.09 -3.22 -29.99
N THR A 74 7.33 -4.16 -29.42
CA THR A 74 5.92 -3.95 -29.14
C THR A 74 5.61 -3.98 -27.65
N ALA A 75 6.63 -4.03 -26.80
CA ALA A 75 6.41 -4.00 -25.35
C ALA A 75 7.61 -3.34 -24.68
N SER A 76 7.35 -2.73 -23.53
CA SER A 76 8.39 -2.08 -22.74
C SER A 76 8.20 -2.44 -21.27
N VAL A 77 9.31 -2.56 -20.56
CA VAL A 77 9.32 -2.83 -19.13
C VAL A 77 10.18 -1.77 -18.45
N ILE A 78 9.69 -1.23 -17.33
CA ILE A 78 10.25 -0.02 -16.75
C ILE A 78 10.93 -0.35 -15.42
N TYR A 79 12.24 -0.14 -15.36
CA TYR A 79 13.01 -0.22 -14.12
C TYR A 79 13.56 1.16 -13.77
N VAL A 80 12.68 2.16 -13.75
CA VAL A 80 13.06 3.56 -13.53
C VAL A 80 12.71 3.95 -12.09
N PRO A 81 13.54 4.70 -11.40
CA PRO A 81 13.27 5.01 -9.97
C PRO A 81 12.04 5.89 -9.81
N PRO A 82 11.47 5.92 -8.61
CA PRO A 82 10.12 6.50 -8.41
C PRO A 82 10.00 7.93 -8.89
N PRO A 83 10.99 8.79 -8.68
CA PRO A 83 10.81 10.20 -9.08
C PRO A 83 10.60 10.40 -10.57
N PHE A 84 10.99 9.43 -11.40
CA PHE A 84 10.94 9.59 -12.85
C PHE A 84 10.09 8.53 -13.54
N ALA A 85 9.56 7.55 -12.82
CA ALA A 85 8.91 6.41 -13.46
C ALA A 85 7.58 6.81 -14.11
N ALA A 86 6.83 7.71 -13.49
CA ALA A 86 5.59 8.16 -14.13
C ALA A 86 5.88 8.80 -15.48
N ALA A 87 6.92 9.62 -15.56
CA ALA A 87 7.33 10.21 -16.84
C ALA A 87 7.72 9.12 -17.83
N ALA A 88 8.36 8.06 -17.35
CA ALA A 88 8.73 6.96 -18.22
C ALA A 88 7.51 6.23 -18.77
N ILE A 89 6.49 6.05 -17.93
CA ILE A 89 5.25 5.45 -18.42
C ILE A 89 4.61 6.34 -19.48
N ASN A 90 4.57 7.64 -19.23
CA ASN A 90 3.96 8.57 -20.17
C ASN A 90 4.70 8.57 -21.50
N GLU A 91 6.02 8.49 -21.47
CA GLU A 91 6.78 8.42 -22.71
C GLU A 91 6.38 7.18 -23.52
N ALA A 92 6.21 6.05 -22.83
CA ALA A 92 5.83 4.83 -23.54
C ALA A 92 4.41 4.93 -24.10
N ILE A 93 3.49 5.54 -23.34
CA ILE A 93 2.15 5.75 -23.86
C ILE A 93 2.21 6.65 -25.10
N GLU A 94 2.93 7.76 -24.98
CA GLU A 94 3.00 8.72 -26.09
C GLU A 94 3.67 8.11 -27.31
N ALA A 95 4.60 7.17 -27.11
CA ALA A 95 5.19 6.43 -28.21
C ALA A 95 4.30 5.29 -28.69
N GLU A 96 3.15 5.08 -28.05
CA GLU A 96 2.17 4.08 -28.48
C GLU A 96 2.75 2.67 -28.47
N ILE A 97 3.55 2.39 -27.44
CA ILE A 97 3.97 1.00 -27.19
C ILE A 97 2.74 0.18 -26.83
N PRO A 98 2.48 -0.95 -27.51
CA PRO A 98 1.25 -1.70 -27.19
C PRO A 98 1.15 -2.18 -25.75
N LEU A 99 2.26 -2.59 -25.14
CA LEU A 99 2.23 -3.07 -23.75
C LEU A 99 3.40 -2.48 -22.97
N VAL A 100 3.07 -1.88 -21.82
CA VAL A 100 4.07 -1.31 -20.92
C VAL A 100 3.89 -1.93 -19.55
N VAL A 101 4.99 -2.43 -18.99
CA VAL A 101 5.02 -3.05 -17.68
C VAL A 101 5.91 -2.20 -16.79
N CYS A 102 5.35 -1.71 -15.68
CA CYS A 102 6.10 -0.88 -14.75
C CYS A 102 6.35 -1.66 -13.46
N ILE A 103 7.62 -2.01 -13.23
CA ILE A 103 8.00 -2.73 -12.02
C ILE A 103 8.07 -1.80 -10.82
N THR A 104 8.38 -0.53 -11.06
CA THR A 104 8.77 0.40 -10.01
C THR A 104 7.80 0.45 -8.83
N GLN A 105 8.35 0.34 -7.63
CA GLN A 105 7.64 0.57 -6.39
C GLN A 105 7.95 1.97 -5.88
N GLY A 106 6.93 2.69 -5.46
CA GLY A 106 7.09 3.97 -4.81
C GLY A 106 6.70 5.19 -5.63
N ILE A 107 6.05 5.01 -6.76
CA ILE A 107 5.60 6.17 -7.54
C ILE A 107 4.54 6.92 -6.76
N PRO A 108 4.62 8.25 -6.64
CA PRO A 108 3.57 8.99 -5.94
C PRO A 108 2.19 8.68 -6.50
N GLN A 109 1.21 8.56 -5.60
CA GLN A 109 -0.16 8.33 -6.05
C GLN A 109 -0.62 9.42 -6.99
N GLN A 110 -0.28 10.69 -6.68
CA GLN A 110 -0.69 11.78 -7.54
C GLN A 110 -0.08 11.66 -8.93
N ASP A 111 1.17 11.20 -9.01
CA ASP A 111 1.77 10.92 -10.31
C ASP A 111 0.94 9.91 -11.10
N MET A 112 0.55 8.81 -10.44
CA MET A 112 -0.19 7.76 -11.14
C MET A 112 -1.60 8.22 -11.49
N VAL A 113 -2.20 9.11 -10.70
CA VAL A 113 -3.47 9.69 -11.10
C VAL A 113 -3.32 10.41 -12.44
N ARG A 114 -2.23 11.16 -12.60
CA ARG A 114 -1.99 11.85 -13.86
CA ARG A 114 -1.98 11.85 -13.86
C ARG A 114 -1.74 10.86 -14.99
N VAL A 115 -0.99 9.78 -14.72
CA VAL A 115 -0.74 8.77 -15.73
C VAL A 115 -2.04 8.10 -16.15
N LYS A 116 -2.87 7.72 -15.18
CA LYS A 116 -4.13 7.07 -15.49
C LYS A 116 -5.02 7.98 -16.32
N HIS A 117 -5.01 9.28 -16.04
CA HIS A 117 -5.78 10.24 -16.82
C HIS A 117 -5.46 10.13 -18.31
N LYS A 118 -4.17 10.13 -18.64
CA LYS A 118 -3.73 9.96 -20.02
C LYS A 118 -4.07 8.56 -20.52
N LEU A 119 -3.78 7.54 -19.71
CA LEU A 119 -3.97 6.16 -20.13
C LEU A 119 -5.40 5.88 -20.55
N LEU A 120 -6.36 6.35 -19.75
CA LEU A 120 -7.76 6.03 -20.02
C LEU A 120 -8.29 6.75 -21.25
N ARG A 121 -7.63 7.81 -21.69
CA ARG A 121 -8.07 8.57 -22.86
C ARG A 121 -7.40 8.10 -24.14
N GLN A 122 -6.80 6.91 -24.13
CA GLN A 122 -6.22 6.32 -25.33
C GLN A 122 -6.38 4.81 -25.23
N GLU A 123 -6.02 4.12 -26.31
CA GLU A 123 -6.14 2.67 -26.32
C GLU A 123 -5.06 1.98 -27.15
N LYS A 124 -3.99 2.68 -27.53
CA LYS A 124 -2.86 2.02 -28.16
C LYS A 124 -2.01 1.27 -27.14
N THR A 125 -1.95 1.77 -25.90
CA THR A 125 -1.03 1.27 -24.89
C THR A 125 -1.80 0.67 -23.72
N ARG A 126 -1.41 -0.53 -23.32
CA ARG A 126 -1.91 -1.21 -22.14
C ARG A 126 -0.82 -1.18 -21.07
N LEU A 127 -1.16 -0.68 -19.88
CA LEU A 127 -0.22 -0.61 -18.78
C LEU A 127 -0.51 -1.70 -17.76
N ILE A 128 0.52 -2.44 -17.38
CA ILE A 128 0.48 -3.34 -16.22
C ILE A 128 1.34 -2.69 -15.14
N GLY A 129 0.75 -2.49 -13.96
CA GLY A 129 1.47 -1.90 -12.85
C GLY A 129 1.05 -0.47 -12.60
N PRO A 130 1.84 0.28 -11.81
CA PRO A 130 3.18 -0.07 -11.31
C PRO A 130 3.22 -1.00 -10.09
N ASN A 131 4.40 -1.11 -9.48
CA ASN A 131 4.60 -1.92 -8.28
C ASN A 131 4.11 -3.35 -8.51
N CYS A 132 4.58 -3.95 -9.60
CA CYS A 132 4.13 -5.28 -10.00
C CYS A 132 5.31 -6.09 -10.53
N PRO A 133 5.16 -7.43 -10.57
CA PRO A 133 6.26 -8.26 -11.07
C PRO A 133 6.32 -8.40 -12.58
N GLY A 134 5.23 -8.08 -13.28
CA GLY A 134 5.18 -8.21 -14.72
C GLY A 134 4.20 -9.26 -15.20
N VAL A 135 4.44 -9.73 -16.41
CA VAL A 135 3.60 -10.72 -17.09
C VAL A 135 4.51 -11.77 -17.70
N ILE A 136 4.07 -13.02 -17.71
CA ILE A 136 4.85 -14.09 -18.30
C ILE A 136 3.92 -15.08 -19.00
N ASN A 137 4.27 -15.41 -20.24
CA ASN A 137 3.72 -16.51 -21.01
C ASN A 137 4.78 -17.61 -20.97
N PRO A 138 4.63 -18.65 -20.15
CA PRO A 138 5.74 -19.56 -19.90
C PRO A 138 6.31 -20.17 -21.17
N GLY A 139 7.63 -20.14 -21.28
CA GLY A 139 8.32 -20.66 -22.45
C GLY A 139 8.19 -19.82 -23.70
N GLU A 140 7.54 -18.65 -23.62
CA GLU A 140 7.41 -17.81 -24.79
C GLU A 140 7.90 -16.38 -24.56
N CYS A 141 7.48 -15.77 -23.45
CA CYS A 141 7.85 -14.37 -23.22
C CYS A 141 7.75 -14.04 -21.74
N LYS A 142 8.86 -13.61 -21.14
CA LYS A 142 8.94 -13.19 -19.75
C LYS A 142 9.24 -11.71 -19.69
N ILE A 143 8.34 -10.94 -19.10
CA ILE A 143 8.50 -9.50 -18.95
C ILE A 143 8.38 -9.17 -17.47
N GLY A 144 9.51 -9.13 -16.78
CA GLY A 144 9.52 -8.75 -15.38
C GLY A 144 10.52 -9.49 -14.53
N ILE A 145 10.22 -9.58 -13.23
CA ILE A 145 11.16 -10.02 -12.22
C ILE A 145 10.88 -11.43 -11.73
N MET A 146 9.84 -12.08 -12.23
CA MET A 146 9.47 -13.39 -11.71
C MET A 146 10.59 -14.40 -11.98
N PRO A 147 10.88 -15.30 -11.03
CA PRO A 147 11.92 -16.32 -11.28
C PRO A 147 11.48 -17.27 -12.37
N GLY A 148 12.29 -17.36 -13.43
CA GLY A 148 11.88 -18.12 -14.60
C GLY A 148 11.63 -19.58 -14.30
N HIS A 149 12.46 -20.19 -13.45
CA HIS A 149 12.54 -21.64 -13.36
C HIS A 149 11.31 -22.28 -12.72
N ILE A 150 10.40 -21.50 -12.12
CA ILE A 150 9.25 -22.11 -11.46
C ILE A 150 8.07 -22.30 -12.40
N HIS A 151 8.13 -21.78 -13.63
CA HIS A 151 7.00 -21.79 -14.54
C HIS A 151 7.01 -23.04 -15.42
N LYS A 152 5.82 -23.39 -15.91
CA LYS A 152 5.64 -24.50 -16.84
C LYS A 152 4.40 -24.21 -17.65
N LYS A 153 4.54 -24.11 -18.97
CA LYS A 153 3.41 -23.79 -19.82
C LYS A 153 2.28 -24.79 -19.59
N GLY A 154 1.07 -24.26 -19.39
CA GLY A 154 -0.06 -25.08 -19.02
C GLY A 154 -1.40 -24.39 -19.11
N ARG A 155 -2.29 -24.69 -18.17
CA ARG A 155 -3.71 -24.45 -18.36
C ARG A 155 -4.33 -23.43 -17.42
N ILE A 156 -3.57 -22.90 -16.46
CA ILE A 156 -4.13 -22.02 -15.43
C ILE A 156 -3.73 -20.59 -15.72
N GLY A 157 -4.71 -19.69 -15.74
CA GLY A 157 -4.44 -18.27 -15.81
C GLY A 157 -4.41 -17.68 -14.42
N ILE A 158 -3.37 -16.90 -14.14
CA ILE A 158 -3.14 -16.36 -12.81
C ILE A 158 -3.12 -14.84 -12.87
N VAL A 159 -3.88 -14.20 -12.00
CA VAL A 159 -3.85 -12.75 -11.82
C VAL A 159 -3.78 -12.46 -10.33
N SER A 160 -2.86 -11.58 -9.94
CA SER A 160 -2.58 -11.36 -8.51
C SER A 160 -2.14 -9.93 -8.26
N ARG A 161 -2.67 -9.34 -7.19
CA ARG A 161 -2.17 -8.06 -6.72
C ARG A 161 -0.82 -8.19 -6.02
N SER A 162 -0.46 -9.41 -5.58
CA SER A 162 0.78 -9.62 -4.85
C SER A 162 1.80 -10.32 -5.74
N GLY A 163 2.99 -9.72 -5.86
CA GLY A 163 4.03 -10.34 -6.67
C GLY A 163 4.43 -11.70 -6.13
N THR A 164 4.79 -11.76 -4.85
CA THR A 164 5.27 -13.02 -4.29
C THR A 164 4.20 -14.09 -4.27
N LEU A 165 2.94 -13.73 -4.05
CA LEU A 165 1.90 -14.75 -4.09
C LEU A 165 1.67 -15.24 -5.52
N THR A 166 1.96 -14.40 -6.51
CA THR A 166 1.99 -14.88 -7.89
C THR A 166 2.98 -16.04 -8.03
N TYR A 167 4.17 -15.88 -7.48
CA TYR A 167 5.18 -16.94 -7.58
C TYR A 167 4.69 -18.20 -6.88
N GLU A 168 4.02 -18.04 -5.74
CA GLU A 168 3.46 -19.19 -5.03
C GLU A 168 2.44 -19.93 -5.90
N ALA A 169 1.50 -19.17 -6.50
CA ALA A 169 0.50 -19.80 -7.35
C ALA A 169 1.15 -20.52 -8.52
N VAL A 170 2.13 -19.88 -9.16
CA VAL A 170 2.84 -20.52 -10.27
C VAL A 170 3.51 -21.81 -9.81
N HIS A 171 4.27 -21.73 -8.72
CA HIS A 171 5.01 -22.89 -8.24
C HIS A 171 4.05 -24.03 -7.93
N GLN A 172 2.95 -23.73 -7.25
CA GLN A 172 2.01 -24.78 -6.86
C GLN A 172 1.33 -25.40 -8.08
N THR A 173 0.96 -24.58 -9.08
CA THR A 173 0.31 -25.15 -10.25
C THR A 173 1.31 -25.89 -11.15
N THR A 174 2.58 -25.49 -11.13
CA THR A 174 3.61 -26.32 -11.76
C THR A 174 3.74 -27.65 -11.03
N GLN A 175 3.73 -27.63 -9.69
CA GLN A 175 3.92 -28.84 -8.92
C GLN A 175 2.83 -29.87 -9.19
N VAL A 176 1.57 -29.43 -9.24
CA VAL A 176 0.46 -30.37 -9.44
C VAL A 176 0.26 -30.70 -10.91
N GLY A 177 1.11 -30.19 -11.81
CA GLY A 177 1.10 -30.58 -13.20
C GLY A 177 0.17 -29.82 -14.11
N LEU A 178 -0.51 -28.80 -13.61
CA LEU A 178 -1.45 -28.07 -14.45
C LEU A 178 -0.77 -27.00 -15.28
N GLY A 179 0.25 -26.35 -14.73
CA GLY A 179 0.96 -25.31 -15.46
C GLY A 179 0.16 -24.03 -15.60
N GLN A 180 0.73 -23.08 -16.33
CA GLN A 180 0.15 -21.75 -16.47
C GLN A 180 0.03 -21.37 -17.94
N SER A 181 -1.12 -20.78 -18.28
CA SER A 181 -1.29 -20.23 -19.62
C SER A 181 -0.68 -18.84 -19.73
N LEU A 182 -1.05 -17.95 -18.81
CA LEU A 182 -0.59 -16.57 -18.79
C LEU A 182 -0.69 -16.11 -17.35
N CYS A 183 0.37 -15.48 -16.85
N CYS A 183 0.33 -15.41 -16.87
CA CYS A 183 0.42 -14.96 -15.50
CA CYS A 183 0.40 -14.98 -15.48
C CYS A 183 0.58 -13.45 -15.58
C CYS A 183 0.69 -13.47 -15.42
N VAL A 184 -0.23 -12.73 -14.82
CA VAL A 184 -0.18 -11.28 -14.78
C VAL A 184 -0.20 -10.84 -13.32
N GLY A 185 0.87 -10.17 -12.89
CA GLY A 185 0.85 -9.52 -11.59
C GLY A 185 0.44 -8.08 -11.76
N ILE A 186 -0.76 -7.71 -11.28
CA ILE A 186 -1.25 -6.35 -11.49
C ILE A 186 -0.73 -5.38 -10.44
N GLY A 187 -0.04 -5.87 -9.42
CA GLY A 187 0.66 -5.01 -8.48
C GLY A 187 -0.18 -4.56 -7.31
N GLY A 188 0.50 -4.00 -6.31
CA GLY A 188 -0.14 -3.62 -5.07
C GLY A 188 -0.42 -2.14 -4.93
N ASP A 189 -0.44 -1.40 -6.05
CA ASP A 189 -0.66 0.04 -5.92
C ASP A 189 -2.14 0.38 -6.12
N PRO A 190 -2.60 1.50 -5.54
CA PRO A 190 -4.02 1.85 -5.63
C PRO A 190 -4.45 2.38 -6.99
N PHE A 191 -3.54 2.99 -7.74
CA PHE A 191 -3.81 3.47 -9.09
C PHE A 191 -2.87 2.77 -10.05
N ASN A 192 -3.41 1.91 -10.91
CA ASN A 192 -2.60 1.09 -11.80
C ASN A 192 -3.31 0.93 -13.14
N GLY A 193 -2.69 0.20 -14.05
CA GLY A 193 -3.15 0.15 -15.43
C GLY A 193 -4.04 -1.01 -15.80
N THR A 194 -4.08 -2.05 -14.96
CA THR A 194 -4.81 -3.27 -15.28
C THR A 194 -5.39 -3.84 -13.99
N ASP A 195 -6.67 -4.19 -14.00
CA ASP A 195 -7.33 -4.75 -12.82
C ASP A 195 -7.70 -6.22 -13.06
N PHE A 196 -8.42 -6.80 -12.11
CA PHE A 196 -8.81 -8.21 -12.22
C PHE A 196 -9.67 -8.43 -13.45
N ILE A 197 -10.67 -7.57 -13.65
CA ILE A 197 -11.61 -7.76 -14.75
C ILE A 197 -10.88 -7.77 -16.09
N ASP A 198 -9.90 -6.88 -16.26
CA ASP A 198 -9.12 -6.87 -17.50
C ASP A 198 -8.54 -8.25 -17.79
N CYS A 199 -7.90 -8.86 -16.79
CA CYS A 199 -7.29 -10.16 -16.99
C CYS A 199 -8.35 -11.25 -17.11
N LEU A 200 -9.44 -11.14 -16.35
CA LEU A 200 -10.48 -12.16 -16.41
C LEU A 200 -11.12 -12.23 -17.78
N GLU A 201 -11.28 -11.09 -18.45
CA GLU A 201 -11.79 -11.09 -19.82
CA GLU A 201 -11.80 -11.10 -19.81
C GLU A 201 -10.89 -11.92 -20.72
N ILE A 202 -9.58 -11.68 -20.65
CA ILE A 202 -8.63 -12.41 -21.48
C ILE A 202 -8.68 -13.91 -21.15
N PHE A 203 -8.72 -14.23 -19.86
CA PHE A 203 -8.71 -15.64 -19.45
C PHE A 203 -9.95 -16.37 -19.93
N LEU A 204 -11.13 -15.77 -19.73
CA LEU A 204 -12.37 -16.46 -20.08
C LEU A 204 -12.48 -16.66 -21.59
N ASN A 205 -11.89 -15.78 -22.38
CA ASN A 205 -11.94 -15.89 -23.84
C ASN A 205 -10.79 -16.68 -24.42
N ASP A 206 -9.79 -17.05 -23.60
CA ASP A 206 -8.62 -17.78 -24.09
C ASP A 206 -8.85 -19.28 -23.93
N SER A 207 -8.86 -20.00 -25.06
CA SER A 207 -9.09 -21.44 -25.00
C SER A 207 -7.99 -22.16 -24.24
N ALA A 208 -6.75 -21.63 -24.30
CA ALA A 208 -5.66 -22.26 -23.56
C ALA A 208 -5.83 -22.16 -22.06
N THR A 209 -6.62 -21.18 -21.57
CA THR A 209 -6.86 -21.01 -20.14
C THR A 209 -8.10 -21.82 -19.78
N GLU A 210 -7.90 -22.94 -19.07
CA GLU A 210 -9.01 -23.80 -18.67
C GLU A 210 -9.44 -23.57 -17.22
N GLY A 211 -8.59 -22.94 -16.41
CA GLY A 211 -8.93 -22.56 -15.06
C GLY A 211 -8.22 -21.27 -14.71
N ILE A 212 -8.64 -20.65 -13.60
CA ILE A 212 -8.16 -19.34 -13.21
C ILE A 212 -7.86 -19.32 -11.73
N ILE A 213 -6.74 -18.71 -11.36
CA ILE A 213 -6.44 -18.36 -9.97
C ILE A 213 -6.41 -16.85 -9.86
N LEU A 214 -7.20 -16.31 -8.94
CA LEU A 214 -7.27 -14.88 -8.67
C LEU A 214 -6.80 -14.67 -7.24
N ILE A 215 -5.71 -13.94 -7.07
CA ILE A 215 -5.14 -13.67 -5.76
C ILE A 215 -5.36 -12.19 -5.46
N GLY A 216 -6.00 -11.92 -4.33
CA GLY A 216 -6.22 -10.56 -3.89
C GLY A 216 -5.79 -10.38 -2.45
N GLU A 217 -6.21 -9.29 -1.84
CA GLU A 217 -5.80 -8.92 -0.49
C GLU A 217 -6.72 -7.80 -0.03
N ILE A 218 -6.46 -7.29 1.17
CA ILE A 218 -7.29 -6.21 1.71
C ILE A 218 -7.11 -4.95 0.88
N GLY A 219 -8.11 -4.07 0.96
CA GLY A 219 -8.06 -2.77 0.31
C GLY A 219 -8.77 -2.68 -1.02
N GLY A 220 -9.48 -1.58 -1.24
CA GLY A 220 -10.16 -1.40 -2.50
C GLY A 220 -11.37 -2.30 -2.66
N ASN A 221 -11.90 -2.33 -3.88
CA ASN A 221 -13.06 -3.16 -4.21
C ASN A 221 -12.89 -3.90 -5.52
N ALA A 222 -11.66 -4.07 -5.99
CA ALA A 222 -11.44 -4.73 -7.29
C ALA A 222 -11.89 -6.19 -7.25
N GLU A 223 -11.68 -6.86 -6.12
CA GLU A 223 -12.13 -8.24 -5.99
C GLU A 223 -13.65 -8.35 -6.05
N GLU A 224 -14.35 -7.41 -5.40
CA GLU A 224 -15.80 -7.40 -5.46
C GLU A 224 -16.29 -7.15 -6.89
N ASN A 225 -15.65 -6.22 -7.61
CA ASN A 225 -15.99 -6.01 -9.01
C ASN A 225 -15.78 -7.28 -9.81
N ALA A 226 -14.65 -7.97 -9.59
CA ALA A 226 -14.37 -9.21 -10.31
C ALA A 226 -15.42 -10.27 -10.00
N ALA A 227 -15.88 -10.33 -8.75
CA ALA A 227 -16.91 -11.29 -8.39
C ALA A 227 -18.17 -11.07 -9.22
N GLU A 228 -18.60 -9.81 -9.35
CA GLU A 228 -19.78 -9.52 -10.15
C GLU A 228 -19.55 -9.83 -11.62
N PHE A 229 -18.35 -9.51 -12.13
CA PHE A 229 -18.01 -9.85 -13.51
C PHE A 229 -18.12 -11.35 -13.74
N LEU A 230 -17.62 -12.16 -12.80
CA LEU A 230 -17.68 -13.61 -12.96
C LEU A 230 -19.12 -14.11 -12.84
N LYS A 231 -19.92 -13.47 -11.97
CA LYS A 231 -21.33 -13.83 -11.87
C LYS A 231 -22.01 -13.81 -13.23
N GLN A 232 -21.70 -12.79 -14.04
CA GLN A 232 -22.42 -12.58 -15.29
C GLN A 232 -21.77 -13.27 -16.48
N HIS A 233 -20.45 -13.46 -16.46
CA HIS A 233 -19.74 -13.96 -17.61
C HIS A 233 -19.20 -15.38 -17.45
N ASN A 234 -19.22 -15.93 -16.24
CA ASN A 234 -18.61 -17.24 -16.00
C ASN A 234 -19.53 -18.13 -15.18
N SER A 235 -20.83 -18.06 -15.45
CA SER A 235 -21.80 -18.96 -14.85
CA SER A 235 -21.83 -18.94 -14.86
C SER A 235 -22.32 -19.92 -15.92
N GLY A 236 -23.11 -20.89 -15.47
CA GLY A 236 -23.68 -21.85 -16.39
C GLY A 236 -22.81 -23.07 -16.60
N PRO A 237 -23.08 -23.80 -17.69
CA PRO A 237 -22.52 -25.15 -17.82
C PRO A 237 -21.02 -25.19 -18.11
N ASN A 238 -20.56 -24.41 -19.10
CA ASN A 238 -19.18 -24.45 -19.54
C ASN A 238 -18.29 -23.46 -18.81
N SER A 239 -18.64 -23.10 -17.58
CA SER A 239 -17.84 -22.17 -16.81
C SER A 239 -16.44 -22.73 -16.58
N LYS A 240 -15.48 -21.83 -16.43
CA LYS A 240 -14.11 -22.22 -16.09
C LYS A 240 -13.94 -22.18 -14.58
N PRO A 241 -13.37 -23.21 -13.96
CA PRO A 241 -13.16 -23.15 -12.51
CA PRO A 241 -13.17 -23.16 -12.50
C PRO A 241 -12.29 -21.96 -12.13
N VAL A 242 -12.67 -21.29 -11.04
CA VAL A 242 -11.91 -20.17 -10.51
C VAL A 242 -11.59 -20.47 -9.05
N VAL A 243 -10.31 -20.39 -8.70
CA VAL A 243 -9.84 -20.55 -7.33
C VAL A 243 -9.20 -19.22 -6.92
N SER A 244 -9.34 -18.88 -5.64
CA SER A 244 -8.87 -17.59 -5.15
C SER A 244 -8.31 -17.72 -3.75
N PHE A 245 -7.36 -16.85 -3.44
CA PHE A 245 -6.89 -16.62 -2.08
C PHE A 245 -6.89 -15.11 -1.84
N ILE A 246 -7.46 -14.67 -0.72
CA ILE A 246 -7.49 -13.27 -0.33
C ILE A 246 -6.62 -13.12 0.92
N ALA A 247 -5.50 -12.43 0.78
CA ALA A 247 -4.59 -12.22 1.89
C ALA A 247 -5.12 -11.15 2.84
N GLY A 248 -4.82 -11.34 4.12
CA GLY A 248 -5.15 -10.35 5.13
C GLY A 248 -6.33 -10.65 6.01
N LEU A 249 -6.81 -11.89 6.03
CA LEU A 249 -7.91 -12.24 6.91
C LEU A 249 -7.59 -11.91 8.36
N THR A 250 -6.33 -11.99 8.75
CA THR A 250 -5.90 -11.73 10.12
C THR A 250 -5.16 -10.40 10.26
N ALA A 251 -5.16 -9.57 9.22
CA ALA A 251 -4.44 -8.31 9.27
C ALA A 251 -5.14 -7.34 10.23
N PRO A 252 -4.38 -6.49 10.92
CA PRO A 252 -4.98 -5.51 11.83
C PRO A 252 -5.62 -4.37 11.06
N PRO A 253 -6.76 -3.86 11.53
CA PRO A 253 -7.43 -2.78 10.78
C PRO A 253 -6.69 -1.46 10.90
N GLY A 254 -6.82 -0.64 9.86
CA GLY A 254 -6.27 0.69 9.85
C GLY A 254 -4.78 0.78 9.61
N ARG A 255 -4.15 -0.29 9.14
CA ARG A 255 -2.71 -0.32 8.90
C ARG A 255 -2.44 -0.61 7.43
N ARG A 256 -1.56 0.19 6.83
CA ARG A 256 -1.08 -0.10 5.47
C ARG A 256 -0.11 -1.26 5.56
N MET A 257 -0.49 -2.40 5.00
CA MET A 257 0.31 -3.62 5.10
C MET A 257 1.26 -3.68 3.91
N GLY A 258 2.33 -2.89 4.00
CA GLY A 258 3.29 -2.81 2.92
C GLY A 258 2.76 -2.08 1.71
N HIS A 259 1.98 -2.78 0.88
CA HIS A 259 1.28 -2.12 -0.21
C HIS A 259 0.46 -0.95 0.33
N ALA A 260 0.61 0.22 -0.30
CA ALA A 260 -0.27 1.33 0.05
C ALA A 260 -1.72 0.98 -0.26
N GLY A 261 -1.95 0.12 -1.25
CA GLY A 261 -3.28 -0.37 -1.54
C GLY A 261 -3.84 -1.35 -0.54
N ALA A 262 -3.02 -1.83 0.38
CA ALA A 262 -3.44 -2.85 1.34
C ALA A 262 -3.73 -2.19 2.68
N ILE A 263 -4.97 -1.75 2.87
CA ILE A 263 -5.38 -1.15 4.13
C ILE A 263 -6.88 -1.34 4.31
N ILE A 264 -7.28 -1.63 5.55
CA ILE A 264 -8.67 -1.67 5.96
C ILE A 264 -8.97 -0.34 6.63
N ALA A 265 -9.78 0.49 5.98
CA ALA A 265 -10.12 1.82 6.47
C ALA A 265 -11.61 2.04 6.41
N GLY A 266 -12.16 2.68 7.43
CA GLY A 266 -13.58 2.96 7.46
C GLY A 266 -14.45 1.73 7.33
N GLY A 267 -13.97 0.59 7.78
CA GLY A 267 -14.74 -0.64 7.67
C GLY A 267 -14.87 -1.18 6.28
N LYS A 268 -14.17 -0.60 5.31
CA LYS A 268 -14.16 -1.10 3.94
C LYS A 268 -12.80 -1.70 3.61
N GLY A 269 -12.80 -2.65 2.68
CA GLY A 269 -11.58 -3.27 2.24
C GLY A 269 -11.19 -4.53 2.97
N GLY A 270 -12.03 -5.02 3.88
CA GLY A 270 -11.72 -6.23 4.59
C GLY A 270 -11.68 -7.45 3.68
N ALA A 271 -11.00 -8.49 4.17
CA ALA A 271 -10.81 -9.69 3.37
C ALA A 271 -12.06 -10.56 3.36
N LYS A 272 -12.77 -10.65 4.48
CA LYS A 272 -13.92 -11.53 4.55
C LYS A 272 -15.02 -11.11 3.58
N GLU A 273 -15.22 -9.80 3.42
CA GLU A 273 -16.21 -9.32 2.45
C GLU A 273 -15.84 -9.75 1.04
N LYS A 274 -14.55 -9.69 0.70
CA LYS A 274 -14.11 -10.12 -0.63
C LYS A 274 -14.28 -11.61 -0.79
N ILE A 275 -13.98 -12.39 0.26
CA ILE A 275 -14.11 -13.84 0.17
C ILE A 275 -15.57 -14.22 -0.07
N SER A 276 -16.49 -13.60 0.69
CA SER A 276 -17.91 -13.91 0.54
C SER A 276 -18.42 -13.49 -0.82
N ALA A 277 -17.99 -12.33 -1.32
CA ALA A 277 -18.40 -11.91 -2.65
C ALA A 277 -17.94 -12.90 -3.71
N LEU A 278 -16.70 -13.34 -3.63
CA LEU A 278 -16.19 -14.31 -4.60
C LEU A 278 -16.90 -15.65 -4.46
N GLN A 279 -17.17 -16.09 -3.22
CA GLN A 279 -17.88 -17.34 -3.04
C GLN A 279 -19.29 -17.26 -3.62
N SER A 280 -19.96 -16.12 -3.43
CA SER A 280 -21.31 -15.95 -3.98
C SER A 280 -21.32 -16.06 -5.50
N ALA A 281 -20.17 -15.84 -6.15
CA ALA A 281 -20.06 -15.95 -7.59
C ALA A 281 -19.59 -17.33 -8.05
N GLY A 282 -19.49 -18.28 -7.14
CA GLY A 282 -19.06 -19.62 -7.49
C GLY A 282 -17.57 -19.85 -7.43
N VAL A 283 -16.78 -18.86 -7.05
CA VAL A 283 -15.35 -19.05 -6.90
C VAL A 283 -15.08 -19.90 -5.66
N VAL A 284 -14.14 -20.84 -5.79
CA VAL A 284 -13.69 -21.64 -4.66
C VAL A 284 -12.51 -20.93 -4.02
N VAL A 285 -12.66 -20.51 -2.77
CA VAL A 285 -11.63 -19.76 -2.07
C VAL A 285 -10.81 -20.73 -1.23
N SER A 286 -9.50 -20.80 -1.52
CA SER A 286 -8.58 -21.55 -0.68
C SER A 286 -8.30 -20.74 0.58
N MET A 287 -8.57 -21.31 1.74
CA MET A 287 -8.25 -20.60 2.97
C MET A 287 -6.75 -20.53 3.19
N SER A 288 -6.01 -21.54 2.74
CA SER A 288 -4.56 -21.53 2.90
C SER A 288 -3.89 -21.06 1.62
N PRO A 289 -2.92 -20.14 1.70
CA PRO A 289 -2.20 -19.72 0.49
C PRO A 289 -1.30 -20.81 -0.06
N ALA A 290 -1.04 -21.87 0.71
CA ALA A 290 -0.22 -22.98 0.26
C ALA A 290 -0.99 -24.00 -0.56
N GLN A 291 -2.32 -23.87 -0.64
CA GLN A 291 -3.16 -24.90 -1.25
C GLN A 291 -3.89 -24.41 -2.49
N LEU A 292 -3.38 -23.37 -3.15
CA LEU A 292 -3.99 -22.93 -4.41
C LEU A 292 -3.87 -24.00 -5.48
N GLY A 293 -2.68 -24.60 -5.62
CA GLY A 293 -2.50 -25.63 -6.62
C GLY A 293 -3.39 -26.84 -6.39
N THR A 294 -3.39 -27.34 -5.16
CA THR A 294 -4.19 -28.52 -4.86
C THR A 294 -5.67 -28.22 -4.97
N THR A 295 -6.10 -27.04 -4.52
CA THR A 295 -7.53 -26.70 -4.59
C THR A 295 -8.01 -26.71 -6.04
N ILE A 296 -7.25 -26.10 -6.95
CA ILE A 296 -7.73 -26.03 -8.33
C ILE A 296 -7.55 -27.38 -9.02
N TYR A 297 -6.55 -28.16 -8.64
CA TYR A 297 -6.45 -29.54 -9.13
C TYR A 297 -7.73 -30.30 -8.83
N LYS A 298 -8.20 -30.23 -7.57
CA LYS A 298 -9.40 -30.95 -7.18
C LYS A 298 -10.64 -30.43 -7.92
N GLU A 299 -10.70 -29.12 -8.18
CA GLU A 299 -11.81 -28.61 -8.98
C GLU A 299 -11.76 -29.14 -10.40
N PHE A 300 -10.56 -29.33 -10.94
CA PHE A 300 -10.45 -29.98 -12.24
C PHE A 300 -10.85 -31.45 -12.16
N GLU A 301 -10.50 -32.11 -11.06
CA GLU A 301 -10.86 -33.52 -10.90
C GLU A 301 -12.36 -33.71 -10.79
N LYS A 302 -13.01 -32.92 -9.92
CA LYS A 302 -14.46 -33.05 -9.76
C LYS A 302 -15.20 -32.88 -11.07
N ARG A 303 -14.66 -32.07 -11.98
CA ARG A 303 -15.28 -31.84 -13.29
CA ARG A 303 -15.26 -31.82 -13.29
C ARG A 303 -14.71 -32.73 -14.37
N LYS A 304 -13.94 -33.76 -13.99
CA LYS A 304 -13.37 -34.70 -14.95
C LYS A 304 -12.62 -33.97 -16.07
N MET A 305 -11.83 -32.98 -15.68
CA MET A 305 -11.05 -32.18 -16.62
C MET A 305 -9.60 -32.64 -16.73
N LEU A 306 -9.20 -33.65 -15.97
CA LEU A 306 -7.87 -34.23 -16.06
C LEU A 306 -7.94 -35.50 -16.90
N GLU A 307 -7.19 -35.53 -17.99
CA GLU A 307 -7.13 -36.70 -18.87
C GLU A 307 -5.94 -37.56 -18.42
N HIS A 308 -6.18 -38.38 -17.41
CA HIS A 308 -5.14 -39.18 -16.80
C HIS A 308 -4.55 -40.19 -17.79
N MET B 1 3.24 8.67 8.49
CA MET B 1 3.70 9.99 8.98
C MET B 1 2.62 10.66 9.82
N ASN B 2 3.03 11.40 10.84
CA ASN B 2 2.09 12.03 11.77
C ASN B 2 2.51 13.47 12.03
N LEU B 3 1.51 14.36 12.08
CA LEU B 3 1.72 15.75 12.44
C LEU B 3 0.90 16.08 13.68
N GLN B 4 1.52 16.80 14.62
CA GLN B 4 0.78 17.36 15.73
C GLN B 4 -0.30 18.32 15.21
N GLU B 5 -1.31 18.53 16.05
CA GLU B 5 -2.40 19.45 15.68
C GLU B 5 -1.85 20.80 15.25
N TYR B 6 -0.88 21.34 15.99
CA TYR B 6 -0.38 22.68 15.69
C TYR B 6 0.42 22.69 14.39
N GLN B 7 1.05 21.57 14.04
CA GLN B 7 1.80 21.51 12.79
C GLN B 7 0.85 21.49 11.58
N SER B 8 -0.21 20.68 11.65
CA SER B 8 -1.15 20.62 10.54
C SER B 8 -1.93 21.92 10.40
N LYS B 9 -2.38 22.49 11.52
CA LYS B 9 -3.12 23.75 11.44
C LYS B 9 -2.24 24.87 10.88
N LYS B 10 -0.96 24.89 11.23
CA LYS B 10 -0.05 25.87 10.64
C LYS B 10 0.06 25.66 9.14
N LEU B 11 0.24 24.40 8.71
CA LEU B 11 0.32 24.09 7.29
C LEU B 11 -0.94 24.55 6.55
N MET B 12 -2.11 24.28 7.13
CA MET B 12 -3.36 24.72 6.51
C MET B 12 -3.44 26.24 6.48
N SER B 13 -3.12 26.89 7.60
CA SER B 13 -3.19 28.35 7.65
C SER B 13 -2.24 28.98 6.64
N ASP B 14 -1.00 28.50 6.58
CA ASP B 14 -0.03 29.06 5.64
C ASP B 14 -0.45 28.87 4.19
N ASN B 15 -1.48 28.07 3.91
CA ASN B 15 -1.97 27.85 2.56
C ASN B 15 -3.39 28.37 2.37
N GLY B 16 -3.78 29.36 3.18
CA GLY B 16 -5.03 30.06 2.98
C GLY B 16 -6.24 29.45 3.65
N VAL B 17 -6.10 28.31 4.30
CA VAL B 17 -7.23 27.66 4.97
C VAL B 17 -7.47 28.35 6.31
N ARG B 18 -8.71 28.75 6.55
CA ARG B 18 -9.04 29.48 7.78
C ARG B 18 -9.15 28.50 8.94
N VAL B 19 -8.32 28.70 9.96
CA VAL B 19 -8.36 27.94 11.19
C VAL B 19 -8.43 28.93 12.35
N GLN B 20 -8.65 28.40 13.54
CA GLN B 20 -8.64 29.22 14.74
C GLN B 20 -7.27 29.84 14.95
N ARG B 21 -7.23 31.17 15.09
CA ARG B 21 -6.00 31.86 15.44
C ARG B 21 -5.39 31.21 16.68
N PHE B 22 -4.07 30.99 16.65
CA PHE B 22 -3.44 30.24 17.73
C PHE B 22 -1.96 30.50 17.80
N PHE B 23 -1.41 30.28 19.00
CA PHE B 23 0.02 30.20 19.27
C PHE B 23 0.30 28.85 19.92
N VAL B 24 1.56 28.43 19.86
CA VAL B 24 2.00 27.20 20.52
C VAL B 24 3.03 27.57 21.58
N ALA B 25 2.94 26.93 22.75
CA ALA B 25 3.73 27.29 23.91
C ALA B 25 4.43 26.08 24.49
N ASP B 26 5.69 26.28 24.90
CA ASP B 26 6.48 25.25 25.56
C ASP B 26 6.46 25.36 27.07
N THR B 27 5.96 26.46 27.63
CA THR B 27 5.95 26.68 29.07
C THR B 27 4.61 27.29 29.47
N ALA B 28 4.27 27.13 30.75
CA ALA B 28 3.01 27.68 31.25
C ALA B 28 2.98 29.20 31.10
N ASN B 29 4.13 29.85 31.30
CA ASN B 29 4.17 31.31 31.15
C ASN B 29 3.99 31.71 29.69
N GLU B 30 4.56 30.93 28.76
CA GLU B 30 4.30 31.17 27.34
C GLU B 30 2.83 30.98 27.02
N ALA B 31 2.18 29.99 27.65
CA ALA B 31 0.75 29.80 27.45
C ALA B 31 -0.04 31.00 27.94
N LEU B 32 0.35 31.55 29.09
CA LEU B 32 -0.34 32.72 29.63
C LEU B 32 -0.19 33.92 28.72
N GLU B 33 1.02 34.18 28.22
CA GLU B 33 1.23 35.33 27.36
C GLU B 33 0.56 35.16 26.01
N ALA B 34 0.60 33.94 25.46
CA ALA B 34 -0.15 33.68 24.23
C ALA B 34 -1.63 33.95 24.43
N ALA B 35 -2.19 33.52 25.58
CA ALA B 35 -3.59 33.79 25.87
C ALA B 35 -3.86 35.29 25.85
N LYS B 36 -2.99 36.09 26.47
CA LYS B 36 -3.19 37.53 26.51
C LYS B 36 -2.93 38.16 25.15
N ARG B 37 -1.93 37.64 24.42
CA ARG B 37 -1.63 38.17 23.09
C ARG B 37 -2.75 37.87 22.10
N LEU B 38 -3.52 36.81 22.34
CA LEU B 38 -4.65 36.52 21.45
C LEU B 38 -5.67 37.65 21.47
N ASN B 39 -5.88 38.25 22.64
CA ASN B 39 -6.93 39.25 22.83
C ASN B 39 -8.28 38.70 22.33
N ALA B 40 -8.65 37.56 22.90
CA ALA B 40 -9.83 36.82 22.48
C ALA B 40 -10.83 36.73 23.63
N LYS B 41 -12.12 36.75 23.26
CA LYS B 41 -13.17 36.68 24.27
C LYS B 41 -13.09 35.38 25.06
N GLU B 42 -13.01 34.25 24.36
CA GLU B 42 -12.80 32.96 25.01
C GLU B 42 -11.62 32.25 24.36
N ILE B 43 -10.98 31.38 25.14
CA ILE B 43 -9.74 30.74 24.76
C ILE B 43 -9.87 29.25 24.96
N VAL B 44 -9.22 28.48 24.11
CA VAL B 44 -9.12 27.03 24.24
C VAL B 44 -7.66 26.68 24.42
N LEU B 45 -7.37 25.80 25.39
CA LEU B 45 -6.03 25.29 25.64
C LEU B 45 -6.05 23.80 25.33
N LYS B 46 -5.13 23.38 24.45
CA LYS B 46 -5.13 22.00 23.95
C LYS B 46 -3.75 21.39 24.05
N ALA B 47 -3.66 20.28 24.78
CA ALA B 47 -2.43 19.50 24.81
C ALA B 47 -2.11 18.96 23.42
N GLN B 48 -0.83 18.99 23.06
CA GLN B 48 -0.38 18.54 21.75
C GLN B 48 0.13 17.10 21.87
N ILE B 49 -0.77 16.15 21.63
CA ILE B 49 -0.39 14.77 21.40
C ILE B 49 -1.16 14.26 20.18
N LEU B 50 -0.67 13.16 19.61
CA LEU B 50 -1.24 12.65 18.38
C LEU B 50 -2.48 11.79 18.62
N ALA B 51 -2.52 11.07 19.74
CA ALA B 51 -3.63 10.16 20.00
C ALA B 51 -4.92 10.93 20.22
N GLY B 52 -6.03 10.24 20.00
CA GLY B 52 -7.35 10.82 20.22
C GLY B 52 -7.77 10.78 21.67
N GLY B 53 -8.98 11.26 21.91
CA GLY B 53 -9.54 11.24 23.24
C GLY B 53 -8.93 12.22 24.21
N ARG B 54 -8.19 13.22 23.71
CA ARG B 54 -7.55 14.19 24.58
C ARG B 54 -8.54 14.81 25.56
N GLY B 55 -9.80 14.93 25.15
CA GLY B 55 -10.78 15.61 25.99
C GLY B 55 -11.11 14.86 27.27
N LYS B 56 -11.11 13.53 27.22
CA LYS B 56 -11.39 12.71 28.39
C LYS B 56 -10.12 12.16 29.03
N GLY B 57 -8.96 12.58 28.56
CA GLY B 57 -7.70 12.12 29.12
C GLY B 57 -7.49 12.61 30.54
N VAL B 58 -6.38 12.16 31.12
CA VAL B 58 -5.99 12.52 32.48
C VAL B 58 -4.47 12.61 32.53
N PHE B 59 -3.96 13.67 33.15
CA PHE B 59 -2.52 13.82 33.33
C PHE B 59 -2.08 13.16 34.64
N ASN B 60 -0.82 12.77 34.69
CA ASN B 60 -0.25 12.27 35.94
C ASN B 60 0.01 13.39 36.94
N SER B 61 -0.51 14.58 36.64
CA SER B 61 -0.52 15.71 37.56
C SER B 61 -1.85 15.87 38.26
N GLY B 62 -2.83 15.03 37.94
CA GLY B 62 -4.17 15.12 38.47
C GLY B 62 -5.15 15.84 37.59
N LEU B 63 -4.67 16.62 36.62
CA LEU B 63 -5.56 17.35 35.74
C LEU B 63 -6.34 16.39 34.85
N LYS B 64 -7.65 16.57 34.80
CA LYS B 64 -8.53 15.79 33.93
C LYS B 64 -8.86 16.59 32.68
N GLY B 65 -8.60 16.00 31.52
CA GLY B 65 -8.92 16.65 30.27
C GLY B 65 -7.76 17.38 29.65
N GLY B 66 -7.53 17.16 28.35
CA GLY B 66 -6.51 17.85 27.61
C GLY B 66 -6.98 19.04 26.83
N VAL B 67 -8.27 19.36 26.88
CA VAL B 67 -8.84 20.49 26.16
C VAL B 67 -9.71 21.28 27.12
N HIS B 68 -9.36 22.53 27.35
CA HIS B 68 -10.05 23.37 28.32
C HIS B 68 -10.39 24.72 27.72
N LEU B 69 -11.60 25.19 28.01
CA LEU B 69 -12.08 26.49 27.58
C LEU B 69 -12.12 27.44 28.76
N THR B 70 -11.80 28.70 28.51
CA THR B 70 -11.84 29.71 29.57
C THR B 70 -11.72 31.09 28.93
N LYS B 71 -12.31 32.07 29.59
CA LYS B 71 -12.19 33.46 29.18
C LYS B 71 -10.99 34.15 29.83
N ASP B 72 -10.31 33.49 30.77
CA ASP B 72 -9.29 34.14 31.58
C ASP B 72 -7.91 33.64 31.20
N PRO B 73 -7.04 34.49 30.62
CA PRO B 73 -5.66 34.06 30.36
C PRO B 73 -4.95 33.51 31.59
N ASN B 74 -5.33 33.94 32.79
CA ASN B 74 -4.70 33.42 33.99
C ASN B 74 -5.03 31.96 34.20
N VAL B 75 -6.24 31.54 33.84
CA VAL B 75 -6.58 30.12 33.96
C VAL B 75 -5.81 29.30 32.93
N VAL B 76 -5.62 29.85 31.73
CA VAL B 76 -4.85 29.15 30.70
C VAL B 76 -3.47 28.79 31.24
N GLY B 77 -2.79 29.75 31.86
CA GLY B 77 -1.49 29.48 32.42
C GLY B 77 -1.55 28.53 33.61
N GLN B 78 -2.55 28.71 34.46
CA GLN B 78 -2.72 27.79 35.59
C GLN B 78 -2.91 26.36 35.10
N LEU B 79 -3.73 26.18 34.06
CA LEU B 79 -3.96 24.84 33.53
C LEU B 79 -2.74 24.31 32.80
N ALA B 80 -2.04 25.17 32.04
CA ALA B 80 -0.90 24.72 31.26
C ALA B 80 0.22 24.22 32.17
N LYS B 81 0.35 24.76 33.37
CA LYS B 81 1.41 24.30 34.27
C LYS B 81 1.23 22.84 34.63
N GLN B 82 -0.02 22.35 34.60
CA GLN B 82 -0.32 20.95 34.89
C GLN B 82 -0.27 20.07 33.65
N MET B 83 0.05 20.63 32.49
CA MET B 83 0.16 19.88 31.25
C MET B 83 1.60 19.73 30.78
N ILE B 84 2.32 20.85 30.64
CA ILE B 84 3.67 20.81 30.08
C ILE B 84 4.56 19.95 30.94
N GLY B 85 5.29 19.03 30.30
CA GLY B 85 6.21 18.16 30.99
C GLY B 85 5.58 16.92 31.60
N TYR B 86 4.27 16.83 31.64
CA TYR B 86 3.56 15.71 32.24
C TYR B 86 3.02 14.78 31.17
N ASN B 87 2.60 13.60 31.60
CA ASN B 87 2.12 12.56 30.70
C ASN B 87 0.60 12.60 30.62
N LEU B 88 0.07 12.72 29.41
CA LEU B 88 -1.36 12.68 29.15
C LEU B 88 -1.73 11.30 28.61
N ALA B 89 -2.58 10.59 29.33
CA ALA B 89 -3.05 9.27 28.93
C ALA B 89 -4.55 9.33 28.60
N THR B 90 -4.93 8.68 27.51
CA THR B 90 -6.33 8.66 27.10
C THR B 90 -6.77 7.25 26.76
N LYS B 91 -7.96 7.11 26.20
CA LYS B 91 -8.47 5.80 25.77
C LYS B 91 -7.74 5.25 24.56
N GLN B 92 -6.75 5.97 24.03
CA GLN B 92 -6.02 5.52 22.84
C GLN B 92 -4.52 5.64 23.00
N THR B 93 -4.02 5.85 24.23
CA THR B 93 -2.59 5.83 24.49
C THR B 93 -2.28 4.66 25.44
N PRO B 94 -1.01 4.28 25.58
CA PRO B 94 -0.65 3.35 26.66
C PRO B 94 -1.10 3.90 28.01
N LYS B 95 -1.13 3.01 29.01
CA LYS B 95 -1.51 3.44 30.35
C LYS B 95 -0.60 4.55 30.85
N GLU B 96 0.68 4.54 30.43
CA GLU B 96 1.62 5.57 30.85
C GLU B 96 1.37 6.92 30.17
N GLY B 97 0.54 6.96 29.14
CA GLY B 97 0.26 8.22 28.47
C GLY B 97 1.44 8.73 27.67
N VAL B 98 1.27 9.95 27.16
CA VAL B 98 2.24 10.60 26.29
C VAL B 98 2.67 11.90 26.94
N LYS B 99 3.99 12.13 26.99
CA LYS B 99 4.51 13.36 27.60
C LYS B 99 4.13 14.55 26.73
N VAL B 100 3.46 15.53 27.35
CA VAL B 100 3.04 16.74 26.65
C VAL B 100 4.13 17.79 26.80
N ASN B 101 4.82 18.07 25.69
CA ASN B 101 5.84 19.11 25.67
C ASN B 101 5.34 20.44 25.13
N LYS B 102 4.25 20.44 24.37
CA LYS B 102 3.69 21.66 23.81
C LYS B 102 2.18 21.67 24.06
N VAL B 103 1.63 22.88 24.11
CA VAL B 103 0.20 23.08 24.14
C VAL B 103 -0.14 24.14 23.10
N MET B 104 -1.35 24.05 22.56
CA MET B 104 -1.88 25.08 21.67
CA MET B 104 -1.87 25.09 21.68
C MET B 104 -2.78 26.02 22.47
N VAL B 105 -2.66 27.31 22.19
CA VAL B 105 -3.50 28.33 22.80
C VAL B 105 -4.18 29.06 21.65
N ALA B 106 -5.48 28.83 21.49
CA ALA B 106 -6.21 29.27 20.31
C ALA B 106 -7.48 30.01 20.69
N GLU B 107 -7.90 30.89 19.80
CA GLU B 107 -9.19 31.57 19.97
C GLU B 107 -10.31 30.55 19.92
N ALA B 108 -11.17 30.56 20.94
CA ALA B 108 -12.35 29.71 20.96
C ALA B 108 -13.47 30.39 20.17
N LEU B 109 -14.11 29.64 19.28
CA LEU B 109 -15.15 30.16 18.42
C LEU B 109 -16.41 29.34 18.60
N ASP B 110 -17.54 30.02 18.77
CA ASP B 110 -18.83 29.34 18.77
C ASP B 110 -19.11 28.73 17.40
N ILE B 111 -19.70 27.54 17.39
CA ILE B 111 -20.02 26.84 16.16
C ILE B 111 -21.53 26.82 16.04
N SER B 112 -22.06 27.51 15.04
CA SER B 112 -23.50 27.52 14.79
C SER B 112 -23.94 26.38 13.90
N ARG B 113 -23.02 25.77 13.14
CA ARG B 113 -23.36 24.66 12.26
C ARG B 113 -22.11 23.88 11.95
N GLU B 114 -22.22 22.55 11.99
CA GLU B 114 -21.11 21.66 11.71
C GLU B 114 -21.39 20.89 10.42
N THR B 115 -20.35 20.77 9.58
CA THR B 115 -20.43 19.94 8.40
C THR B 115 -19.15 19.11 8.30
N TYR B 116 -19.18 18.15 7.39
CA TYR B 116 -18.03 17.29 7.10
C TYR B 116 -17.55 17.61 5.70
N LEU B 117 -16.25 17.84 5.56
CA LEU B 117 -15.66 18.09 4.25
C LEU B 117 -14.30 17.43 4.17
N ALA B 118 -14.10 16.61 3.13
CA ALA B 118 -12.83 15.95 2.94
C ALA B 118 -12.51 15.89 1.45
N ILE B 119 -11.21 15.78 1.18
CA ILE B 119 -10.69 15.55 -0.15
CA ILE B 119 -10.69 15.55 -0.15
C ILE B 119 -9.81 14.32 -0.07
N LEU B 120 -10.00 13.37 -0.98
CA LEU B 120 -9.18 12.17 -0.95
C LEU B 120 -8.93 11.65 -2.35
N MET B 121 -7.82 10.92 -2.48
CA MET B 121 -7.56 10.11 -3.66
C MET B 121 -8.45 8.87 -3.59
N ASP B 122 -9.41 8.79 -4.51
CA ASP B 122 -10.42 7.74 -4.51
C ASP B 122 -10.04 6.71 -5.57
N ARG B 123 -9.73 5.49 -5.12
CA ARG B 123 -9.31 4.45 -6.06
C ARG B 123 -10.41 4.16 -7.08
N SER B 124 -11.66 4.06 -6.62
CA SER B 124 -12.74 3.74 -7.54
C SER B 124 -12.93 4.82 -8.59
N CYS B 125 -12.69 6.07 -8.24
CA CYS B 125 -12.92 7.19 -9.14
C CYS B 125 -11.68 7.61 -9.90
N ASN B 126 -10.55 6.93 -9.68
CA ASN B 126 -9.33 7.16 -10.46
C ASN B 126 -8.78 8.56 -10.29
N GLY B 127 -9.02 9.16 -9.13
CA GLY B 127 -8.49 10.47 -8.86
C GLY B 127 -9.12 11.14 -7.66
N PRO B 128 -8.83 12.42 -7.49
CA PRO B 128 -9.33 13.13 -6.31
C PRO B 128 -10.84 13.32 -6.35
N VAL B 129 -11.45 13.20 -5.18
CA VAL B 129 -12.88 13.37 -5.00
C VAL B 129 -13.09 14.27 -3.78
N LEU B 130 -13.98 15.24 -3.92
CA LEU B 130 -14.48 15.97 -2.76
C LEU B 130 -15.59 15.15 -2.12
N VAL B 131 -15.54 14.99 -0.79
CA VAL B 131 -16.58 14.30 -0.05
C VAL B 131 -17.11 15.23 1.01
N GLY B 132 -18.42 15.42 1.06
CA GLY B 132 -19.01 16.34 1.99
C GLY B 132 -20.35 15.88 2.48
N SER B 133 -20.69 16.29 3.71
CA SER B 133 -21.99 15.99 4.28
C SER B 133 -22.42 17.14 5.17
N PRO B 134 -23.68 17.57 5.10
CA PRO B 134 -24.17 18.58 6.06
C PRO B 134 -24.25 18.05 7.48
N GLN B 135 -24.21 16.72 7.67
CA GLN B 135 -24.18 16.14 9.01
C GLN B 135 -22.73 16.13 9.49
N GLY B 136 -22.34 17.20 10.17
CA GLY B 136 -20.99 17.30 10.69
C GLY B 136 -20.87 16.79 12.11
N GLY B 137 -19.63 16.63 12.55
CA GLY B 137 -19.35 16.28 13.92
C GLY B 137 -19.46 14.82 14.27
N VAL B 138 -19.69 13.95 13.29
CA VAL B 138 -19.80 12.51 13.53
C VAL B 138 -18.94 11.78 12.50
N ASP B 139 -18.49 10.58 12.87
CA ASP B 139 -17.75 9.74 11.95
C ASP B 139 -18.51 9.64 10.63
N ILE B 140 -17.80 9.82 9.52
CA ILE B 140 -18.46 9.79 8.22
C ILE B 140 -18.95 8.38 7.91
N GLU B 141 -18.31 7.36 8.50
CA GLU B 141 -18.76 5.99 8.28
C GLU B 141 -20.18 5.79 8.79
N GLU B 142 -20.53 6.44 9.91
CA GLU B 142 -21.88 6.33 10.44
C GLU B 142 -22.88 7.03 9.54
N VAL B 143 -22.57 8.26 9.11
CA VAL B 143 -23.45 8.96 8.18
C VAL B 143 -23.66 8.14 6.92
N ALA B 144 -22.61 7.43 6.48
CA ALA B 144 -22.73 6.62 5.27
C ALA B 144 -23.68 5.44 5.48
N ALA B 145 -23.72 4.90 6.70
CA ALA B 145 -24.59 3.76 7.00
C ALA B 145 -26.00 4.19 7.39
N SER B 146 -26.14 5.36 8.01
CA SER B 146 -27.44 5.82 8.46
C SER B 146 -28.16 6.68 7.42
N ASN B 147 -27.42 7.53 6.71
CA ASN B 147 -28.00 8.49 5.78
C ASN B 147 -27.09 8.67 4.58
N PRO B 148 -26.94 7.63 3.77
CA PRO B 148 -26.08 7.75 2.58
C PRO B 148 -26.52 8.85 1.63
N GLU B 149 -27.81 9.21 1.64
CA GLU B 149 -28.27 10.29 0.77
C GLU B 149 -27.70 11.64 1.19
N LEU B 150 -27.07 11.73 2.36
CA LEU B 150 -26.46 12.96 2.83
C LEU B 150 -24.96 13.02 2.57
N ILE B 151 -24.40 11.99 1.91
CA ILE B 151 -23.00 12.03 1.47
C ILE B 151 -23.00 12.54 0.03
N PHE B 152 -22.36 13.69 -0.19
CA PHE B 152 -22.23 14.30 -1.50
C PHE B 152 -20.77 14.22 -1.94
N LYS B 153 -20.57 14.03 -3.24
CA LYS B 153 -19.21 13.88 -3.78
C LYS B 153 -19.09 14.61 -5.11
N GLU B 154 -17.87 15.07 -5.38
CA GLU B 154 -17.51 15.67 -6.66
C GLU B 154 -16.17 15.09 -7.11
N GLN B 155 -16.14 14.57 -8.33
CA GLN B 155 -14.92 14.05 -8.93
C GLN B 155 -14.17 15.18 -9.61
N ILE B 156 -12.91 15.40 -9.20
CA ILE B 156 -12.12 16.51 -9.69
C ILE B 156 -11.11 16.00 -10.72
N ASP B 157 -11.05 16.67 -11.88
CA ASP B 157 -10.10 16.34 -12.92
C ASP B 157 -8.72 16.83 -12.50
N ILE B 158 -7.73 15.94 -12.53
CA ILE B 158 -6.42 16.24 -11.97
C ILE B 158 -5.73 17.35 -12.74
N PHE B 159 -6.00 17.48 -14.04
CA PHE B 159 -5.37 18.51 -14.85
C PHE B 159 -6.17 19.80 -14.88
N GLU B 160 -7.51 19.70 -14.92
CA GLU B 160 -8.32 20.91 -14.93
C GLU B 160 -8.32 21.60 -13.57
N GLY B 161 -8.18 20.82 -12.49
CA GLY B 161 -8.31 21.37 -11.16
C GLY B 161 -9.76 21.49 -10.74
N ILE B 162 -9.97 21.89 -9.49
CA ILE B 162 -11.32 22.12 -9.00
C ILE B 162 -11.88 23.36 -9.68
N LYS B 163 -13.12 23.24 -10.17
CA LYS B 163 -13.82 24.37 -10.78
C LYS B 163 -14.70 25.06 -9.73
N ASP B 164 -14.88 26.37 -9.90
CA ASP B 164 -15.77 27.10 -9.02
C ASP B 164 -17.14 26.42 -8.93
N SER B 165 -17.66 25.98 -10.07
CA SER B 165 -18.98 25.33 -10.09
C SER B 165 -19.03 24.15 -9.12
N GLN B 166 -17.92 23.41 -9.01
CA GLN B 166 -17.90 22.26 -8.11
C GLN B 166 -17.80 22.70 -6.66
N ALA B 167 -16.94 23.68 -6.38
CA ALA B 167 -16.84 24.20 -5.01
C ALA B 167 -18.15 24.83 -4.56
N GLN B 168 -18.80 25.58 -5.45
CA GLN B 168 -20.09 26.18 -5.12
C GLN B 168 -21.15 25.13 -4.83
N ARG B 169 -21.23 24.11 -5.70
CA ARG B 169 -22.25 23.09 -5.53
C ARG B 169 -22.07 22.33 -4.22
N MET B 170 -20.83 21.94 -3.90
CA MET B 170 -20.59 21.29 -2.62
C MET B 170 -20.93 22.22 -1.47
N ALA B 171 -20.57 23.49 -1.58
CA ALA B 171 -20.91 24.45 -0.52
C ALA B 171 -22.41 24.48 -0.29
N GLU B 172 -23.21 24.43 -1.36
CA GLU B 172 -24.65 24.45 -1.21
C GLU B 172 -25.16 23.14 -0.60
N ASN B 173 -24.62 22.00 -1.06
CA ASN B 173 -25.04 20.72 -0.51
C ASN B 173 -24.75 20.61 0.97
N LEU B 174 -23.75 21.36 1.46
CA LEU B 174 -23.43 21.36 2.88
C LEU B 174 -24.28 22.35 3.68
N GLY B 175 -25.21 23.03 3.01
CA GLY B 175 -26.11 23.94 3.69
C GLY B 175 -25.63 25.37 3.81
N PHE B 176 -24.49 25.71 3.23
CA PHE B 176 -24.01 27.08 3.27
C PHE B 176 -24.87 27.95 2.37
N VAL B 177 -25.26 29.12 2.89
CA VAL B 177 -26.24 29.97 2.24
C VAL B 177 -25.67 31.38 2.08
N GLY B 178 -25.97 32.02 0.96
CA GLY B 178 -25.62 33.40 0.74
C GLY B 178 -24.13 33.64 0.78
N PRO B 179 -23.70 34.71 1.46
CA PRO B 179 -22.26 34.98 1.53
C PRO B 179 -21.47 33.85 2.16
N LEU B 180 -22.07 33.06 3.05
CA LEU B 180 -21.36 31.92 3.62
C LEU B 180 -21.04 30.88 2.56
N LYS B 181 -21.86 30.79 1.52
CA LYS B 181 -21.60 29.84 0.45
C LYS B 181 -20.32 30.21 -0.31
N SER B 182 -20.16 31.49 -0.64
CA SER B 182 -18.93 31.93 -1.31
C SER B 182 -17.73 31.73 -0.41
N GLN B 183 -17.90 31.96 0.90
CA GLN B 183 -16.82 31.69 1.84
C GLN B 183 -16.47 30.21 1.85
N ALA B 184 -17.48 29.35 1.93
CA ALA B 184 -17.22 27.91 2.01
C ALA B 184 -16.59 27.40 0.72
N ALA B 185 -17.03 27.90 -0.43
CA ALA B 185 -16.49 27.43 -1.70
C ALA B 185 -15.02 27.83 -1.84
N ASP B 186 -14.66 29.04 -1.40
CA ASP B 186 -13.27 29.46 -1.46
C ASP B 186 -12.40 28.63 -0.54
N GLN B 187 -12.91 28.26 0.63
CA GLN B 187 -12.16 27.38 1.52
C GLN B 187 -12.03 25.98 0.95
N ILE B 188 -13.10 25.47 0.32
CA ILE B 188 -13.02 24.17 -0.35
C ILE B 188 -11.92 24.20 -1.41
N THR B 189 -11.87 25.27 -2.20
CA THR B 189 -10.86 25.40 -3.23
C THR B 189 -9.46 25.40 -2.62
N LYS B 190 -9.27 26.17 -1.54
CA LYS B 190 -7.96 26.23 -0.91
C LYS B 190 -7.59 24.89 -0.29
N LEU B 191 -8.56 24.17 0.26
CA LEU B 191 -8.28 22.84 0.81
C LEU B 191 -7.84 21.89 -0.30
N TYR B 192 -8.49 21.95 -1.47
CA TYR B 192 -8.13 21.05 -2.56
C TYR B 192 -6.72 21.35 -3.05
N ASN B 193 -6.39 22.63 -3.24
CA ASN B 193 -5.06 22.97 -3.72
C ASN B 193 -3.99 22.59 -2.70
N LEU B 194 -4.30 22.75 -1.40
CA LEU B 194 -3.40 22.27 -0.36
C LEU B 194 -3.19 20.76 -0.48
N PHE B 195 -4.30 20.02 -0.60
CA PHE B 195 -4.25 18.57 -0.76
C PHE B 195 -3.28 18.16 -1.86
N LEU B 196 -3.32 18.85 -3.01
CA LEU B 196 -2.40 18.52 -4.10
C LEU B 196 -0.97 18.92 -3.76
N LYS B 197 -0.79 20.11 -3.19
CA LYS B 197 0.54 20.65 -2.98
C LYS B 197 1.37 19.76 -2.06
N ILE B 198 0.73 19.13 -1.07
CA ILE B 198 1.45 18.39 -0.04
C ILE B 198 1.42 16.88 -0.29
N ASP B 199 0.93 16.44 -1.45
CA ASP B 199 0.85 15.03 -1.78
C ASP B 199 0.07 14.25 -0.72
N ALA B 200 -1.03 14.84 -0.27
CA ALA B 200 -1.89 14.15 0.68
C ALA B 200 -2.64 13.02 -0.04
N THR B 201 -2.94 11.96 0.70
CA THR B 201 -3.94 11.00 0.23
C THR B 201 -5.33 11.38 0.71
N GLN B 202 -5.41 12.11 1.83
CA GLN B 202 -6.68 12.60 2.33
C GLN B 202 -6.44 13.84 3.19
N VAL B 203 -7.29 14.83 3.01
CA VAL B 203 -7.44 15.97 3.91
C VAL B 203 -8.89 15.96 4.37
N GLU B 204 -9.09 15.79 5.68
CA GLU B 204 -10.42 15.63 6.26
C GLU B 204 -10.66 16.73 7.27
N VAL B 205 -11.73 17.51 7.09
CA VAL B 205 -12.11 18.56 8.02
C VAL B 205 -13.44 18.19 8.64
N ASN B 206 -13.48 18.11 9.96
CA ASN B 206 -14.71 17.79 10.68
C ASN B 206 -14.60 18.28 12.12
N PRO B 207 -15.36 19.33 12.51
CA PRO B 207 -16.33 20.06 11.69
C PRO B 207 -15.75 21.15 10.80
N PHE B 208 -16.27 21.18 9.57
CA PHE B 208 -16.15 22.31 8.64
C PHE B 208 -17.33 23.21 8.96
N GLY B 209 -17.10 24.23 9.77
CA GLY B 209 -18.22 24.88 10.44
C GLY B 209 -18.42 26.36 10.20
N GLU B 210 -19.61 26.83 10.57
CA GLU B 210 -19.94 28.26 10.59
C GLU B 210 -19.91 28.77 12.03
N THR B 211 -19.52 30.03 12.19
CA THR B 211 -19.62 30.69 13.48
C THR B 211 -20.79 31.64 13.49
N PRO B 212 -21.33 31.98 14.66
CA PRO B 212 -22.40 32.98 14.71
C PRO B 212 -22.04 34.27 14.00
N GLU B 213 -20.77 34.65 14.00
CA GLU B 213 -20.31 35.88 13.37
C GLU B 213 -20.23 35.76 11.85
N GLY B 214 -20.53 34.59 11.29
CA GLY B 214 -20.58 34.44 9.85
C GLY B 214 -19.30 34.01 9.18
N GLN B 215 -18.40 33.36 9.91
CA GLN B 215 -17.15 32.87 9.35
C GLN B 215 -17.22 31.38 9.11
N VAL B 216 -16.62 30.93 8.00
CA VAL B 216 -16.39 29.51 7.75
C VAL B 216 -14.99 29.17 8.23
N VAL B 217 -14.89 28.17 9.11
CA VAL B 217 -13.64 27.85 9.78
C VAL B 217 -13.45 26.34 9.81
N CYS B 218 -12.23 25.90 9.54
CA CYS B 218 -11.85 24.50 9.72
C CYS B 218 -11.44 24.32 11.17
N PHE B 219 -12.33 23.72 11.96
CA PHE B 219 -12.12 23.65 13.40
C PHE B 219 -11.18 22.52 13.79
N ASP B 220 -11.32 21.36 13.16
CA ASP B 220 -10.44 20.21 13.39
C ASP B 220 -10.22 19.53 12.05
N ALA B 221 -9.03 18.92 11.90
CA ALA B 221 -8.70 18.30 10.63
C ALA B 221 -7.65 17.22 10.84
N LYS B 222 -7.64 16.26 9.91
CA LYS B 222 -6.65 15.19 9.87
C LYS B 222 -6.13 15.10 8.44
N ILE B 223 -4.82 15.04 8.30
CA ILE B 223 -4.17 14.91 7.00
C ILE B 223 -3.44 13.56 6.97
N ASN B 224 -3.69 12.80 5.92
CA ASN B 224 -2.93 11.59 5.62
C ASN B 224 -2.04 11.87 4.43
N PHE B 225 -0.76 11.52 4.55
CA PHE B 225 0.24 11.85 3.54
C PHE B 225 0.63 10.60 2.74
N ASP B 226 0.97 10.80 1.47
CA ASP B 226 1.46 9.72 0.63
C ASP B 226 2.95 9.51 0.91
N ASP B 227 3.29 8.40 1.55
CA ASP B 227 4.69 8.13 1.88
C ASP B 227 5.55 8.04 0.63
N ASN B 228 4.95 7.69 -0.51
CA ASN B 228 5.71 7.61 -1.76
C ASN B 228 6.22 8.97 -2.22
N ALA B 229 5.68 10.06 -1.67
CA ALA B 229 6.08 11.40 -2.08
C ALA B 229 7.09 12.03 -1.13
N GLU B 230 7.64 11.27 -0.19
CA GLU B 230 8.59 11.84 0.75
C GLU B 230 9.74 12.53 0.03
N PHE B 231 10.22 11.94 -1.07
CA PHE B 231 11.37 12.50 -1.76
C PHE B 231 11.12 13.93 -2.22
N ARG B 232 9.86 14.33 -2.41
CA ARG B 232 9.54 15.71 -2.78
C ARG B 232 8.72 16.43 -1.71
N GLN B 233 8.75 15.92 -0.48
CA GLN B 233 8.08 16.58 0.64
C GLN B 233 8.99 16.55 1.87
N LYS B 234 10.26 16.89 1.66
CA LYS B 234 11.24 16.78 2.74
C LYS B 234 10.85 17.64 3.94
N ASP B 235 10.40 18.88 3.68
CA ASP B 235 10.09 19.79 4.77
C ASP B 235 8.97 19.25 5.64
N ILE B 236 7.94 18.66 5.03
CA ILE B 236 6.81 18.15 5.81
C ILE B 236 7.22 16.89 6.55
N PHE B 237 7.91 15.97 5.88
CA PHE B 237 8.32 14.73 6.54
C PHE B 237 9.36 14.98 7.63
N ALA B 238 10.11 16.08 7.54
CA ALA B 238 10.99 16.46 8.64
C ALA B 238 10.21 16.67 9.93
N MET B 239 8.95 17.12 9.82
CA MET B 239 8.12 17.39 10.98
C MET B 239 7.52 16.11 11.58
N ASP B 240 7.79 14.95 11.00
CA ASP B 240 7.18 13.71 11.45
C ASP B 240 7.44 13.49 12.94
N ASP B 241 6.39 13.12 13.66
CA ASP B 241 6.44 12.95 15.11
C ASP B 241 6.26 11.46 15.41
N LYS B 242 7.37 10.77 15.68
CA LYS B 242 7.37 9.34 15.90
C LYS B 242 7.26 8.97 17.38
N SER B 243 6.98 9.94 18.24
CA SER B 243 7.04 9.73 19.68
C SER B 243 5.98 8.77 20.20
N GLU B 244 4.91 8.53 19.43
CA GLU B 244 3.84 7.64 19.86
C GLU B 244 3.78 6.37 19.03
N ASN B 245 4.80 6.11 18.21
CA ASN B 245 4.82 4.89 17.41
C ASN B 245 5.39 3.73 18.22
N GLU B 246 5.05 2.52 17.78
CA GLU B 246 5.64 1.32 18.35
C GLU B 246 7.16 1.38 18.16
N PRO B 247 7.95 1.10 19.20
CA PRO B 247 9.40 1.37 19.09
C PRO B 247 10.10 0.51 18.05
N ILE B 248 9.77 -0.77 17.94
CA ILE B 248 10.40 -1.60 16.93
C ILE B 248 10.06 -1.08 15.53
N GLU B 249 8.81 -0.66 15.33
CA GLU B 249 8.43 -0.11 14.04
C GLU B 249 9.26 1.11 13.69
N ASN B 250 9.56 1.95 14.68
CA ASN B 250 10.41 3.11 14.44
C ASN B 250 11.81 2.68 13.99
N GLU B 251 12.39 1.70 14.67
CA GLU B 251 13.71 1.22 14.29
C GLU B 251 13.71 0.72 12.85
N ALA B 252 12.73 -0.12 12.50
CA ALA B 252 12.64 -0.63 11.14
C ALA B 252 12.63 0.50 10.12
N ALA B 253 11.91 1.58 10.42
CA ALA B 253 11.80 2.69 9.47
C ALA B 253 13.15 3.34 9.18
N LYS B 254 14.07 3.29 10.15
CA LYS B 254 15.39 3.88 9.93
C LYS B 254 16.10 3.23 8.75
N TYR B 255 15.77 1.98 8.44
CA TYR B 255 16.38 1.25 7.34
C TYR B 255 15.41 0.98 6.19
N ASP B 256 14.35 1.79 6.09
CA ASP B 256 13.37 1.68 5.01
C ASP B 256 12.61 0.36 5.07
N LEU B 257 12.38 -0.17 6.26
CA LEU B 257 11.74 -1.46 6.45
C LEU B 257 10.30 -1.28 6.94
N LYS B 258 9.41 -2.16 6.47
CA LYS B 258 7.99 -2.09 6.81
C LYS B 258 7.70 -3.17 7.85
N TYR B 259 7.70 -2.79 9.12
CA TYR B 259 7.47 -3.70 10.23
C TYR B 259 6.22 -3.29 11.00
N ILE B 260 5.35 -4.26 11.26
CA ILE B 260 4.15 -4.04 12.06
C ILE B 260 4.12 -5.10 13.15
N GLY B 261 4.19 -4.66 14.40
CA GLY B 261 4.19 -5.60 15.52
C GLY B 261 2.81 -6.16 15.80
N LEU B 262 2.77 -7.44 16.14
CA LEU B 262 1.54 -8.14 16.48
C LEU B 262 1.69 -8.76 17.87
N ASP B 263 0.71 -9.56 18.27
CA ASP B 263 0.62 -10.04 19.65
C ASP B 263 1.16 -11.44 19.85
N GLY B 264 1.69 -12.09 18.81
CA GLY B 264 2.09 -13.48 18.88
C GLY B 264 3.53 -13.67 19.29
N ASN B 265 4.00 -14.92 19.09
CA ASN B 265 5.34 -15.31 19.49
C ASN B 265 6.14 -15.94 18.36
N ILE B 266 5.64 -15.95 17.13
CA ILE B 266 6.37 -16.45 15.97
C ILE B 266 6.72 -15.27 15.09
N ALA B 267 8.01 -14.91 15.06
CA ALA B 267 8.46 -13.84 14.20
C ALA B 267 8.42 -14.25 12.74
N CYS B 268 8.14 -13.29 11.87
CA CYS B 268 8.00 -13.53 10.45
C CYS B 268 8.98 -12.67 9.67
N PHE B 269 9.69 -13.30 8.73
CA PHE B 269 10.74 -12.67 7.94
C PHE B 269 10.43 -13.02 6.50
N VAL B 270 9.75 -12.11 5.79
CA VAL B 270 9.11 -12.41 4.52
C VAL B 270 9.37 -11.26 3.55
N ASN B 271 9.35 -11.58 2.26
CA ASN B 271 9.44 -10.57 1.20
C ASN B 271 8.09 -10.46 0.51
N GLY B 272 7.61 -9.22 0.38
CA GLY B 272 6.34 -8.99 -0.27
C GLY B 272 5.21 -8.80 0.72
N ALA B 273 4.44 -7.73 0.54
CA ALA B 273 3.33 -7.46 1.44
C ALA B 273 2.30 -8.59 1.41
N GLY B 274 2.03 -9.14 0.23
CA GLY B 274 1.05 -10.19 0.13
C GLY B 274 1.49 -11.47 0.82
N LEU B 275 2.70 -11.94 0.50
CA LEU B 275 3.23 -13.11 1.18
C LEU B 275 3.34 -12.88 2.68
N ALA B 276 3.65 -11.65 3.09
CA ALA B 276 3.75 -11.37 4.52
C ALA B 276 2.39 -11.46 5.20
N MET B 277 1.34 -10.89 4.58
CA MET B 277 -0.01 -11.08 5.10
C MET B 277 -0.40 -12.56 5.07
N ALA B 278 -0.07 -13.25 3.98
CA ALA B 278 -0.45 -14.66 3.85
C ALA B 278 0.29 -15.53 4.86
N THR B 279 1.50 -15.14 5.24
CA THR B 279 2.25 -15.90 6.24
C THR B 279 1.59 -15.76 7.61
N CYS B 280 1.19 -14.54 7.99
CA CYS B 280 0.42 -14.38 9.22
C CYS B 280 -0.85 -15.22 9.17
N ASP B 281 -1.55 -15.20 8.03
CA ASP B 281 -2.80 -15.95 7.91
C ASP B 281 -2.56 -17.44 8.13
N ILE B 282 -1.53 -17.99 7.47
CA ILE B 282 -1.34 -19.43 7.48
C ILE B 282 -0.80 -19.90 8.84
N ILE B 283 -0.07 -19.03 9.54
CA ILE B 283 0.33 -19.36 10.92
C ILE B 283 -0.91 -19.47 11.80
N PHE B 284 -1.81 -18.49 11.70
CA PHE B 284 -3.06 -18.56 12.45
CA PHE B 284 -3.05 -18.57 12.46
C PHE B 284 -3.82 -19.83 12.11
N LEU B 285 -3.92 -20.14 10.81
CA LEU B 285 -4.65 -21.33 10.37
C LEU B 285 -4.13 -22.59 11.05
N ASN B 286 -2.82 -22.67 11.26
CA ASN B 286 -2.19 -23.87 11.78
C ASN B 286 -2.00 -23.84 13.29
N GLY B 287 -2.68 -22.93 13.99
CA GLY B 287 -2.69 -22.94 15.43
C GLY B 287 -1.65 -22.07 16.10
N GLY B 288 -0.96 -21.23 15.34
CA GLY B 288 0.03 -20.32 15.89
C GLY B 288 -0.47 -18.88 15.91
N LYS B 289 0.38 -18.02 16.48
CA LYS B 289 0.11 -16.58 16.54
C LYS B 289 1.36 -15.86 16.03
N PRO B 290 1.25 -15.07 14.96
CA PRO B 290 2.43 -14.35 14.47
C PRO B 290 2.79 -13.18 15.37
N ALA B 291 4.09 -12.96 15.54
CA ALA B 291 4.58 -11.86 16.36
C ALA B 291 4.71 -10.55 15.60
N ASN B 292 4.70 -10.60 14.26
CA ASN B 292 4.87 -9.38 13.48
C ASN B 292 4.54 -9.63 12.01
N PHE B 293 4.28 -8.54 11.31
CA PHE B 293 4.26 -8.48 9.85
C PHE B 293 5.55 -7.80 9.41
N LEU B 294 6.18 -8.32 8.36
CA LEU B 294 7.42 -7.71 7.89
C LEU B 294 7.56 -7.93 6.40
N ASP B 295 7.65 -6.84 5.66
CA ASP B 295 7.77 -6.84 4.21
C ASP B 295 9.15 -6.30 3.84
N LEU B 296 10.08 -7.21 3.56
CA LEU B 296 11.34 -6.84 2.93
C LEU B 296 11.08 -6.49 1.48
N GLY B 297 11.38 -5.25 1.09
CA GLY B 297 11.04 -4.79 -0.23
C GLY B 297 12.10 -5.06 -1.28
N GLY B 298 11.65 -5.05 -2.54
N GLY B 298 11.64 -5.03 -2.53
CA GLY B 298 12.55 -5.29 -3.66
CA GLY B 298 12.47 -5.16 -3.72
C GLY B 298 13.85 -4.53 -3.57
C GLY B 298 13.96 -5.40 -3.56
N GLY B 299 14.92 -5.12 -4.08
N GLY B 299 14.76 -4.41 -3.94
CA GLY B 299 16.23 -4.51 -3.99
CA GLY B 299 16.20 -4.55 -3.97
C GLY B 299 16.72 -4.42 -2.56
C GLY B 299 16.85 -4.42 -2.61
N VAL B 300 17.08 -5.55 -1.97
CA VAL B 300 17.58 -5.59 -0.60
C VAL B 300 19.11 -5.53 -0.61
N LYS B 301 19.65 -4.75 0.30
CA LYS B 301 21.08 -4.76 0.61
C LYS B 301 21.31 -5.64 1.83
N GLU B 302 22.45 -6.34 1.85
CA GLU B 302 22.75 -7.24 2.95
C GLU B 302 22.60 -6.52 4.30
N ALA B 303 23.01 -5.25 4.36
CA ALA B 303 22.94 -4.52 5.62
C ALA B 303 21.50 -4.40 6.11
N GLN B 304 20.57 -4.16 5.19
CA GLN B 304 19.16 -4.06 5.58
C GLN B 304 18.65 -5.40 6.11
N VAL B 305 19.01 -6.49 5.45
CA VAL B 305 18.61 -7.82 5.92
C VAL B 305 19.14 -8.06 7.33
N TYR B 306 20.43 -7.75 7.54
CA TYR B 306 21.05 -7.94 8.84
C TYR B 306 20.29 -7.19 9.93
N GLN B 307 20.00 -5.91 9.69
CA GLN B 307 19.27 -5.11 10.69
C GLN B 307 17.85 -5.63 10.86
N ALA B 308 17.18 -5.98 9.76
CA ALA B 308 15.83 -6.49 9.84
C ALA B 308 15.75 -7.76 10.68
N PHE B 309 16.69 -8.68 10.48
CA PHE B 309 16.66 -9.91 11.25
C PHE B 309 16.88 -9.63 12.73
N LYS B 310 17.78 -8.69 13.04
CA LYS B 310 18.00 -8.33 14.44
C LYS B 310 16.75 -7.72 15.08
N LEU B 311 15.90 -7.06 14.28
CA LEU B 311 14.67 -6.52 14.84
C LEU B 311 13.76 -7.62 15.35
N LEU B 312 13.85 -8.82 14.76
CA LEU B 312 13.04 -9.94 15.25
C LEU B 312 13.65 -10.58 16.49
N THR B 313 14.98 -10.72 16.52
CA THR B 313 15.66 -11.41 17.61
C THR B 313 15.70 -10.59 18.89
N ALA B 314 15.25 -9.33 18.86
CA ALA B 314 15.26 -8.45 20.02
C ALA B 314 13.85 -8.03 20.43
N ASP B 315 12.87 -8.87 20.13
CA ASP B 315 11.51 -8.71 20.65
C ASP B 315 11.31 -9.74 21.75
N PRO B 316 11.02 -9.34 22.99
CA PRO B 316 10.96 -10.34 24.07
C PRO B 316 9.99 -11.48 23.82
N LYS B 317 8.90 -11.22 23.10
CA LYS B 317 7.86 -12.24 22.94
C LYS B 317 8.25 -13.33 21.95
N VAL B 318 9.27 -13.10 21.13
CA VAL B 318 9.57 -14.02 20.04
C VAL B 318 10.13 -15.33 20.61
N GLU B 319 9.49 -16.44 20.27
CA GLU B 319 9.95 -17.76 20.66
C GLU B 319 10.36 -18.63 19.47
N ALA B 320 10.16 -18.15 18.24
CA ALA B 320 10.60 -18.86 17.05
C ALA B 320 10.58 -17.86 15.90
N ILE B 321 11.37 -18.13 14.88
CA ILE B 321 11.51 -17.25 13.73
C ILE B 321 11.22 -18.04 12.46
N LEU B 322 10.32 -17.51 11.64
CA LEU B 322 9.95 -18.13 10.36
CA LEU B 322 9.95 -18.13 10.36
C LEU B 322 10.46 -17.23 9.24
N VAL B 323 11.42 -17.73 8.47
CA VAL B 323 11.92 -17.04 7.29
C VAL B 323 11.26 -17.68 6.08
N ASN B 324 10.52 -16.88 5.31
CA ASN B 324 9.83 -17.37 4.12
C ASN B 324 10.08 -16.36 3.00
N ILE B 325 10.96 -16.73 2.08
CA ILE B 325 11.38 -15.86 0.98
C ILE B 325 11.08 -16.57 -0.33
N PHE B 326 10.31 -15.92 -1.19
CA PHE B 326 10.14 -16.37 -2.56
C PHE B 326 10.63 -15.22 -3.44
N GLY B 327 11.89 -15.30 -3.86
CA GLY B 327 12.59 -14.16 -4.44
C GLY B 327 12.40 -14.04 -5.93
N GLY B 328 12.00 -12.85 -6.36
CA GLY B 328 12.06 -12.48 -7.75
C GLY B 328 13.10 -11.38 -7.92
N ILE B 329 12.75 -10.17 -7.50
CA ILE B 329 13.75 -9.12 -7.39
C ILE B 329 14.59 -9.27 -6.13
N VAL B 330 14.05 -9.93 -5.10
CA VAL B 330 14.82 -10.18 -3.88
C VAL B 330 15.77 -11.34 -4.13
N ASN B 331 17.06 -11.10 -3.93
CA ASN B 331 18.11 -12.07 -4.20
C ASN B 331 18.28 -12.96 -2.96
N CYS B 332 17.92 -14.24 -3.10
CA CYS B 332 17.93 -15.13 -1.93
C CYS B 332 19.30 -15.17 -1.26
N ALA B 333 20.38 -15.05 -2.03
CA ALA B 333 21.72 -15.10 -1.44
C ALA B 333 21.98 -13.90 -0.53
N ILE B 334 21.44 -12.73 -0.88
CA ILE B 334 21.59 -11.58 0.00
C ILE B 334 20.87 -11.84 1.32
N ILE B 335 19.67 -12.42 1.25
CA ILE B 335 18.96 -12.81 2.47
C ILE B 335 19.82 -13.74 3.31
N ALA B 336 20.36 -14.79 2.69
CA ALA B 336 21.16 -15.76 3.43
C ALA B 336 22.35 -15.09 4.09
N ASN B 337 23.07 -14.23 3.36
CA ASN B 337 24.23 -13.56 3.92
C ASN B 337 23.85 -12.66 5.09
N GLY B 338 22.74 -11.92 4.97
CA GLY B 338 22.33 -11.05 6.07
C GLY B 338 21.93 -11.81 7.32
N ILE B 339 21.19 -12.91 7.14
CA ILE B 339 20.74 -13.70 8.29
C ILE B 339 21.93 -14.30 9.01
N THR B 340 22.84 -14.94 8.26
CA THR B 340 23.98 -15.59 8.90
C THR B 340 24.85 -14.58 9.63
N LYS B 341 25.05 -13.39 9.06
CA LYS B 341 25.81 -12.36 9.74
C LYS B 341 25.16 -11.97 11.06
N ALA B 342 23.84 -11.82 11.07
CA ALA B 342 23.13 -11.50 12.30
C ALA B 342 23.25 -12.63 13.32
N CYS B 343 23.14 -13.87 12.86
CA CYS B 343 23.17 -14.99 13.80
C CYS B 343 24.55 -15.17 14.43
N ARG B 344 25.61 -14.74 13.75
CA ARG B 344 26.95 -14.92 14.32
CA ARG B 344 26.96 -14.87 14.29
C ARG B 344 27.17 -14.05 15.56
N GLU B 345 26.37 -13.00 15.76
CA GLU B 345 26.50 -12.17 16.95
C GLU B 345 25.41 -12.40 17.98
N LEU B 346 24.29 -13.01 17.59
N LEU B 346 24.31 -13.06 17.60
CA LEU B 346 23.13 -13.10 18.46
CA LEU B 346 23.18 -13.24 18.48
C LEU B 346 23.33 -14.11 19.59
C LEU B 346 23.31 -14.49 19.35
N GLU B 347 23.21 -15.40 19.26
N GLU B 347 22.77 -14.40 20.57
CA GLU B 347 23.23 -16.52 20.20
CA GLU B 347 22.65 -15.55 21.46
C GLU B 347 22.19 -17.53 19.73
C GLU B 347 21.17 -15.74 21.80
N LEU B 348 21.08 -17.02 19.19
N LEU B 348 20.35 -16.03 20.78
CA LEU B 348 19.99 -17.83 18.65
CA LEU B 348 18.90 -15.95 20.94
C LEU B 348 19.57 -18.92 19.64
C LEU B 348 18.32 -17.23 21.51
N LYS B 349 18.74 -18.53 20.61
N LYS B 349 18.70 -18.39 20.97
CA LYS B 349 18.15 -19.46 21.55
CA LYS B 349 18.22 -19.69 21.45
C LYS B 349 16.71 -19.81 21.18
C LYS B 349 16.73 -19.88 21.16
N VAL B 350 16.36 -19.68 19.89
CA VAL B 350 15.00 -19.98 19.45
C VAL B 350 15.05 -20.75 18.14
N PRO B 351 14.05 -21.59 17.87
CA PRO B 351 14.01 -22.29 16.58
C PRO B 351 13.97 -21.32 15.41
N LEU B 352 14.62 -21.71 14.32
CA LEU B 352 14.68 -20.94 13.09
C LEU B 352 14.23 -21.83 11.94
N VAL B 353 13.05 -21.54 11.40
CA VAL B 353 12.50 -22.27 10.26
C VAL B 353 12.69 -21.42 9.02
N VAL B 354 13.26 -22.03 7.97
CA VAL B 354 13.70 -21.29 6.78
C VAL B 354 13.12 -21.95 5.54
N ARG B 355 12.35 -21.18 4.77
CA ARG B 355 11.89 -21.57 3.45
C ARG B 355 12.42 -20.54 2.45
N LEU B 356 13.23 -21.00 1.50
CA LEU B 356 13.79 -20.14 0.47
C LEU B 356 13.47 -20.70 -0.90
N GLU B 357 13.07 -19.82 -1.81
CA GLU B 357 12.79 -20.20 -3.19
C GLU B 357 12.99 -18.99 -4.08
N GLY B 358 13.25 -19.27 -5.35
CA GLY B 358 13.31 -18.22 -6.34
C GLY B 358 14.72 -17.79 -6.73
N THR B 359 14.90 -16.48 -6.87
CA THR B 359 16.13 -15.95 -7.46
C THR B 359 17.35 -16.33 -6.66
N ASN B 360 18.27 -17.04 -7.31
CA ASN B 360 19.56 -17.41 -6.73
C ASN B 360 19.39 -18.31 -5.51
N VAL B 361 18.35 -19.14 -5.52
CA VAL B 361 18.06 -19.95 -4.35
C VAL B 361 19.16 -20.98 -4.09
N GLN B 362 19.83 -21.45 -5.14
CA GLN B 362 20.86 -22.48 -4.95
C GLN B 362 22.03 -21.94 -4.15
N GLU B 363 22.59 -20.79 -4.57
CA GLU B 363 23.67 -20.19 -3.80
C GLU B 363 23.22 -19.89 -2.37
N ALA B 364 21.98 -19.44 -2.21
CA ALA B 364 21.48 -19.11 -0.87
C ALA B 364 21.46 -20.34 0.02
N GLN B 365 20.97 -21.46 -0.50
CA GLN B 365 20.94 -22.68 0.30
C GLN B 365 22.35 -23.12 0.67
N LYS B 366 23.30 -22.96 -0.26
CA LYS B 366 24.69 -23.29 0.04
C LYS B 366 25.21 -22.47 1.21
N ILE B 367 24.96 -21.15 1.18
CA ILE B 367 25.38 -20.28 2.28
C ILE B 367 24.81 -20.79 3.60
N LEU B 368 23.50 -21.07 3.62
CA LEU B 368 22.88 -21.56 4.85
C LEU B 368 23.41 -22.93 5.24
N ASN B 369 23.70 -23.78 4.24
CA ASN B 369 24.20 -25.12 4.53
C ASN B 369 25.62 -25.07 5.10
N ASN B 370 26.43 -24.09 4.68
CA ASN B 370 27.78 -23.93 5.20
C ASN B 370 27.83 -23.17 6.51
N SER B 371 26.70 -22.66 7.01
CA SER B 371 26.74 -21.70 8.10
C SER B 371 27.03 -22.35 9.45
N GLY B 372 26.69 -23.63 9.60
CA GLY B 372 26.75 -24.26 10.91
C GLY B 372 25.64 -23.87 11.85
N LEU B 373 24.57 -23.21 11.34
CA LEU B 373 23.50 -22.74 12.20
C LEU B 373 22.42 -23.81 12.34
N PRO B 374 21.73 -23.85 13.50
CA PRO B 374 20.64 -24.81 13.68
C PRO B 374 19.37 -24.36 12.97
N ILE B 375 19.25 -24.72 11.70
CA ILE B 375 18.14 -24.31 10.85
C ILE B 375 17.23 -25.50 10.63
N THR B 376 15.93 -25.29 10.81
CA THR B 376 14.91 -26.25 10.43
C THR B 376 14.45 -25.89 9.02
N SER B 377 14.73 -26.75 8.04
CA SER B 377 14.37 -26.46 6.66
C SER B 377 12.90 -26.80 6.42
N ALA B 378 12.24 -25.96 5.62
CA ALA B 378 10.86 -26.20 5.21
C ALA B 378 10.81 -26.22 3.68
N ILE B 379 9.95 -27.09 3.14
CA ILE B 379 9.89 -27.28 1.70
C ILE B 379 8.87 -26.37 1.03
N ASP B 380 7.88 -25.88 1.77
CA ASP B 380 6.82 -25.04 1.21
C ASP B 380 6.22 -24.23 2.36
N LEU B 381 5.21 -23.42 2.02
CA LEU B 381 4.67 -22.49 2.99
C LEU B 381 3.90 -23.19 4.10
N GLU B 382 3.14 -24.24 3.75
CA GLU B 382 2.39 -24.96 4.79
C GLU B 382 3.34 -25.70 5.72
N ASP B 383 4.35 -26.37 5.14
CA ASP B 383 5.37 -27.05 5.93
C ASP B 383 6.05 -26.06 6.88
N ALA B 384 6.41 -24.88 6.37
CA ALA B 384 7.09 -23.90 7.21
C ALA B 384 6.20 -23.45 8.36
N ALA B 385 4.92 -23.21 8.10
CA ALA B 385 4.01 -22.79 9.17
C ALA B 385 3.84 -23.89 10.21
N LYS B 386 3.65 -25.13 9.76
CA LYS B 386 3.49 -26.24 10.70
C LYS B 386 4.73 -26.44 11.54
N LYS B 387 5.91 -26.36 10.92
CA LYS B 387 7.14 -26.53 11.68
C LYS B 387 7.37 -25.37 12.65
N ALA B 388 6.96 -24.15 12.26
CA ALA B 388 7.13 -23.01 13.15
C ALA B 388 6.21 -23.13 14.37
N VAL B 389 4.95 -23.48 14.14
CA VAL B 389 4.00 -23.58 15.25
C VAL B 389 4.38 -24.73 16.17
N ALA B 390 4.87 -25.84 15.60
CA ALA B 390 5.25 -26.98 16.42
C ALA B 390 6.47 -26.68 17.27
N SER B 391 7.37 -25.82 16.79
CA SER B 391 8.60 -25.56 17.51
C SER B 391 8.39 -24.79 18.81
N VAL B 392 7.21 -24.19 19.02
CA VAL B 392 6.93 -23.44 20.22
C VAL B 392 5.62 -23.89 20.84
N ALA B 393 5.28 -25.17 20.67
CA ALA B 393 4.06 -25.71 21.23
C ALA B 393 4.36 -26.97 22.04
N1A DCA C . 13.87 6.40 -18.74
C2A DCA C . 14.77 5.42 -18.68
N3A DCA C . 15.72 5.20 -17.79
C4A DCA C . 15.73 6.16 -16.85
C5A DCA C . 14.88 7.25 -16.77
C6A DCA C . 13.90 7.36 -17.78
N6A DCA C . 13.01 8.36 -17.80
N7A DCA C . 15.18 8.02 -15.67
C8A DCA C . 16.19 7.42 -15.11
N9A DCA C . 16.57 6.27 -15.77
C1B DCA C . 17.65 5.36 -15.43
C2B DCA C . 18.76 5.94 -14.57
O2B DCA C . 19.67 6.68 -15.39
C3B DCA C . 19.39 4.67 -14.03
O3B DCA C . 20.36 4.19 -15.00
P3B DCA C . 21.92 4.49 -14.93
O7A DCA C . 22.48 4.09 -13.61
O8A DCA C . 22.55 3.73 -16.11
O9A DCA C . 22.06 5.99 -15.19
C4B DCA C . 18.23 3.65 -14.00
O4B DCA C . 17.12 4.29 -14.66
C5B DCA C . 17.83 3.22 -12.62
O5B DCA C . 18.86 2.37 -12.10
P1A DCA C . 19.31 2.41 -10.58
O1A DCA C . 19.49 3.80 -10.11
O2A DCA C . 20.49 1.45 -10.46
O3A DCA C . 18.06 1.74 -9.85
P2A DCA C . 17.70 0.27 -9.37
O4A DCA C . 18.48 -0.16 -8.21
O5A DCA C . 17.72 -0.64 -10.64
O6A DCA C . 16.19 0.40 -8.90
CBP DCA C . 13.84 0.14 -9.41
CCP DCA C . 15.15 0.82 -9.79
CDP DCA C . 14.00 -1.38 -9.58
CEP DCA C . 12.71 0.64 -10.33
CAP DCA C . 13.49 0.46 -7.93
OAP DCA C . 13.38 1.86 -7.73
C9P DCA C . 12.25 -0.26 -7.39
O9P DCA C . 11.15 0.26 -7.49
N8P DCA C . 12.46 -1.44 -6.82
C7P DCA C . 11.38 -2.24 -6.25
C6P DCA C . 10.58 -2.97 -7.34
C5P DCA C . 9.56 -3.91 -6.75
O5P DCA C . 9.78 -4.54 -5.71
N4P DCA C . 8.42 -3.99 -7.42
C3P DCA C . 7.30 -4.76 -6.89
C2P DCA C . 7.35 -6.16 -7.32
H2A DCA C . 14.68 4.68 -19.49
H61A DCA C . 13.28 9.30 -18.04
H62A DCA C . 12.03 8.21 -17.58
H8A DCA C . 16.69 7.76 -14.20
H1B DCA C . 18.02 4.96 -16.37
H2B DCA C . 18.43 6.56 -13.75
HO2A DCA C . 19.73 7.60 -15.03
H3B DCA C . 19.88 4.79 -13.07
HOA8 DCA C . 22.86 2.80 -16.00
HOA9 DCA C . 22.91 6.49 -15.32
H4B DCA C . 18.41 2.79 -14.65
H51A DCA C . 16.89 2.66 -12.61
H52A DCA C . 17.71 4.06 -11.93
HOA2 DCA C . 21.33 1.56 -9.94
HOA5 DCA C . 17.26 -0.46 -11.50
H121 DCA C . 15.46 0.59 -10.80
H122 DCA C . 15.08 1.91 -9.72
H131 DCA C . 13.06 -1.91 -9.40
H132 DCA C . 14.32 -1.65 -10.57
H133 DCA C . 14.73 -1.79 -8.89
H141 DCA C . 12.88 0.40 -11.38
H142 DCA C . 12.59 1.72 -10.30
H143 DCA C . 11.74 0.22 -10.08
H10 DCA C . 14.38 0.23 -7.34
HO1 DCA C . 13.48 2.04 -6.76
HN8 DCA C . 13.39 -1.84 -6.76
H71 DCA C . 11.77 -2.96 -5.54
H72 DCA C . 10.71 -1.61 -5.67
H61 DCA C . 11.23 -3.54 -7.99
H62 DCA C . 10.05 -2.27 -7.99
HN4 DCA C . 8.29 -3.52 -8.31
H31 DCA C . 6.36 -4.31 -7.19
H32 DCA C . 7.30 -4.70 -5.80
H21 DCA C . 7.32 -6.24 -8.41
H22 DCA C . 8.27 -6.65 -6.98
H23 DCA C . 6.51 -6.73 -6.93
C1 EDO D . -8.93 -25.10 0.66
O1 EDO D . -9.59 -24.29 1.64
C2 EDO D . -7.53 -25.48 1.16
O2 EDO D . -7.05 -24.48 2.07
H11 EDO D . -9.51 -26.01 0.48
H12 EDO D . -8.86 -24.55 -0.27
HO1 EDO D . -10.47 -24.05 1.33
H21 EDO D . -7.57 -26.45 1.66
H22 EDO D . -6.85 -25.56 0.31
HO2 EDO D . -6.18 -24.73 2.40
C1 GOL E . -7.95 -0.52 -15.54
O1 GOL E . -9.14 -1.04 -16.08
C2 GOL E . -8.12 -0.50 -14.01
O2 GOL E . -6.97 -0.05 -13.37
C3 GOL E . -9.33 0.42 -13.74
O3 GOL E . -9.15 1.60 -14.49
H11 GOL E . -7.77 0.39 -15.86
H12 GOL E . -7.18 -1.05 -15.78
HO1 GOL E . -8.97 -1.82 -16.35
H2 GOL E . -8.29 -1.39 -13.68
HO2 GOL E . -6.65 -0.71 -12.93
H31 GOL E . -9.39 0.59 -12.79
H32 GOL E . -10.14 -0.06 -13.97
HO3 GOL E . -9.81 2.11 -14.34
C1 GOL F . 27.92 -4.55 -21.59
O1 GOL F . 27.29 -5.30 -20.58
C2 GOL F . 28.70 -5.55 -22.45
O2 GOL F . 27.96 -6.70 -22.71
C3 GOL F . 29.05 -4.78 -23.73
O3 GOL F . 27.88 -4.74 -24.51
H11 GOL F . 28.53 -3.89 -21.23
H12 GOL F . 27.28 -4.08 -22.13
HO1 GOL F . 26.65 -4.84 -20.28
H2 GOL F . 29.50 -5.84 -21.98
H31 GOL F . 29.78 -5.24 -24.18
H32 GOL F . 29.38 -3.91 -23.50
HO3 GOL F . 27.94 -4.09 -25.03
MG MG G . 6.40 -5.61 -2.52
C1 GOL H . -6.98 -1.02 -7.57
O1 GOL H . -7.18 -0.02 -6.62
C2 GOL H . -6.52 -2.28 -6.83
O2 GOL H . -7.36 -2.65 -5.79
C3 GOL H . -6.50 -3.37 -7.93
O3 GOL H . -5.16 -3.60 -8.23
H11 GOL H . -6.30 -0.78 -8.23
H12 GOL H . -7.78 -1.22 -8.08
HO1 GOL H . -6.71 0.66 -6.85
H2 GOL H . -5.65 -2.15 -6.42
HO2 GOL H . -8.10 -2.87 -6.12
H31 GOL H . -7.02 -3.05 -8.70
H32 GOL H . -6.96 -4.16 -7.61
O1 ZNS I . 11.21 -10.73 -4.54
C1 ZNS I . 9.17 -9.54 -4.29
O5 ZNS I . 4.95 -7.16 -2.24
O4 ZNS I . 3.55 -9.23 -2.56
C3 ZNS I . 6.88 -8.46 -4.26
O3 ZNS I . 5.60 -8.77 -3.95
C2 ZNS I . 7.77 -9.47 -4.92
C ZNS I . 10.23 -10.24 -5.13
O ZNS I . 10.05 -10.29 -6.37
O2 ZNS I . 7.21 -7.35 -3.97
O6 ZNS I . 3.56 -7.43 -4.32
P ZNS I . 4.33 -8.13 -3.23
H1 ZNS I . 9.13 -10.04 -3.33
H ZNS I . 9.53 -8.54 -4.07
H2 ZNS I . 7.84 -9.24 -5.98
H3 ZNS I . 7.28 -10.45 -4.88
C1 GOL J . 15.98 -24.13 3.64
O1 GOL J . 15.65 -23.57 2.39
C2 GOL J . 17.51 -24.01 3.81
O2 GOL J . 17.91 -24.35 5.11
C3 GOL J . 18.10 -24.95 2.75
O3 GOL J . 19.50 -24.80 2.80
H11 GOL J . 15.72 -25.06 3.71
H12 GOL J . 15.54 -23.67 4.38
HO1 GOL J . 14.81 -23.66 2.30
H2 GOL J . 17.80 -23.10 3.67
HO2 GOL J . 18.76 -24.28 5.14
H31 GOL J . 17.72 -24.72 1.88
H32 GOL J . 17.80 -25.86 2.93
HO3 GOL J . 19.82 -25.29 2.18
#